data_1VKG
#
_entry.id   1VKG
#
_cell.length_a   82.63
_cell.length_b   92.71
_cell.length_c   98.76
_cell.angle_alpha   90.00
_cell.angle_beta   90.00
_cell.angle_gamma   90.00
#
_symmetry.space_group_name_H-M   'P 21 21 21'
#
loop_
_entity.id
_entity.type
_entity.pdbx_description
1 polymer 'Histone deacetylase 8'
2 non-polymer 'ZINC ION'
3 non-polymer 'SODIUM ION'
4 non-polymer "5-(4-METHYL-BENZOYLAMINO)-BIPHENYL-3,4'-DICARBOXYLIC ACID 3-DIMETHYLAMIDE-4'-HYDROXYAMIDE"
5 water water
#
_entity_poly.entity_id   1
_entity_poly.type   'polypeptide(L)'
_entity_poly.pdbx_seq_one_letter_code
;MEEPEEPADSGQSLVPVYIYSPEYVSMCDSLAKIPKRASMVHSLIEAYALHKQMRIVKPKVASMEEMATFHTDAYLQHLQ
KVSQEGDDDHPDSIEYGLGYDCPATEGIFDYAAAIGGATITAAQCLIDGMCKVAINWSGGWHHAKKDEASGFCYLNDAVL
GILRLRRKFERILYVDLDLHHGDGVEDAFSFTSKVMTVSLHKFSPGFFPGTGDVSDVGLGKGRYYSVNVPIQDGIQDEKY
YQICESVLKEVYQAFNPKAVVLQLGADTIAGDPMCSFNMTPVGIGKCLKYILQWQLATLILGGGGYNLANTARCWTYLTG
VILGKTLSSEIPDHEFFTAYGPDYVLEITPSCRPDRNEPHRIQQILNYIKGNLKHVV
;
_entity_poly.pdbx_strand_id   A,B
#
loop_
_chem_comp.id
_chem_comp.type
_chem_comp.name
_chem_comp.formula
CRI non-polymer '5-(4-METHYL-BENZOYLAMINO)-BIPHENYL-3,4'-DICARBOXYLIC ACID 3-DIMETHYLAMIDE-4'-HYDROXYAMIDE' 'C24 H23 N3 O4'
NA non-polymer 'SODIUM ION' 'Na 1'
ZN non-polymer 'ZINC ION' 'Zn 2'
#
# COMPACT_ATOMS: atom_id res chain seq x y z
N VAL A 15 2.51 11.05 35.65
CA VAL A 15 1.83 11.47 34.40
C VAL A 15 2.55 10.65 33.32
N PRO A 16 2.00 10.51 32.13
CA PRO A 16 2.70 9.80 31.03
C PRO A 16 4.09 10.34 30.72
N VAL A 17 4.80 9.52 30.01
CA VAL A 17 6.16 9.83 29.58
C VAL A 17 5.98 9.85 28.09
N TYR A 18 6.67 10.79 27.51
CA TYR A 18 6.66 11.01 26.05
C TYR A 18 8.13 10.86 25.66
N ILE A 19 8.42 9.83 24.94
CA ILE A 19 9.83 9.62 24.52
C ILE A 19 9.97 10.53 23.28
N TYR A 20 10.55 11.68 23.48
CA TYR A 20 10.74 12.62 22.34
C TYR A 20 12.02 13.46 22.49
N SER A 21 12.58 13.76 21.36
CA SER A 21 13.79 14.57 21.24
C SER A 21 13.77 14.98 19.76
N PRO A 22 14.03 16.22 19.43
CA PRO A 22 14.07 16.68 18.02
C PRO A 22 14.80 15.71 17.12
N GLU A 23 15.97 15.39 17.57
CA GLU A 23 16.87 14.44 16.83
C GLU A 23 16.16 13.09 16.54
N TYR A 24 15.31 12.66 17.44
CA TYR A 24 14.60 11.36 17.23
C TYR A 24 13.55 11.57 16.18
N VAL A 25 12.76 12.60 16.33
CA VAL A 25 11.71 12.84 15.31
C VAL A 25 12.37 12.92 13.94
N SER A 26 13.26 13.84 13.83
CA SER A 26 13.99 14.02 12.55
C SER A 26 14.55 12.66 12.10
N MET A 27 14.91 11.85 13.05
CA MET A 27 15.46 10.51 12.71
C MET A 27 14.35 9.65 12.11
N CYS A 28 13.15 9.76 12.64
CA CYS A 28 11.99 8.95 12.13
C CYS A 28 11.25 9.63 10.96
N ASP A 29 12.03 10.23 10.12
CA ASP A 29 11.51 10.95 8.90
C ASP A 29 12.70 10.82 7.95
N SER A 30 13.46 9.76 8.01
CA SER A 30 14.62 9.67 7.09
C SER A 30 14.69 8.66 5.90
N LEU A 31 15.14 7.48 6.20
CA LEU A 31 15.31 6.35 5.22
C LEU A 31 14.63 6.51 3.86
N ALA A 32 15.42 6.47 2.81
CA ALA A 32 14.96 6.60 1.38
C ALA A 32 13.45 6.58 1.04
N LYS A 33 12.70 5.75 1.73
CA LYS A 33 11.23 5.61 1.52
C LYS A 33 10.43 5.96 2.80
N ILE A 34 10.89 6.92 3.55
CA ILE A 34 10.17 7.29 4.80
C ILE A 34 9.54 8.70 4.47
N PRO A 35 8.36 9.01 4.99
CA PRO A 35 7.76 10.37 4.92
C PRO A 35 8.08 11.09 6.23
N LYS A 36 7.46 12.22 6.46
CA LYS A 36 7.76 12.95 7.71
C LYS A 36 6.57 12.85 8.63
N ARG A 37 6.29 11.63 8.99
CA ARG A 37 5.14 11.29 9.89
C ARG A 37 5.52 11.54 11.31
N ALA A 38 6.73 11.30 11.66
CA ALA A 38 7.12 11.55 13.09
C ALA A 38 6.84 13.02 13.41
N SER A 39 7.29 13.89 12.53
CA SER A 39 7.09 15.38 12.68
C SER A 39 5.60 15.76 12.73
N MET A 40 4.86 15.29 11.78
CA MET A 40 3.42 15.65 11.81
C MET A 40 2.75 15.24 13.10
N VAL A 41 3.04 14.05 13.56
CA VAL A 41 2.41 13.54 14.82
C VAL A 41 2.85 14.45 15.99
N HIS A 42 4.15 14.60 16.15
CA HIS A 42 4.64 15.47 17.27
C HIS A 42 4.03 16.89 17.09
N SER A 43 4.28 17.47 15.96
CA SER A 43 3.77 18.83 15.60
C SER A 43 2.32 19.03 16.10
N LEU A 44 1.48 18.05 15.97
CA LEU A 44 0.09 18.27 16.44
C LEU A 44 0.01 18.08 17.94
N ILE A 45 0.59 17.03 18.47
CA ILE A 45 0.52 16.86 19.95
C ILE A 45 1.02 18.14 20.61
N GLU A 46 2.03 18.66 19.98
CA GLU A 46 2.69 19.91 20.43
C GLU A 46 1.65 21.04 20.19
N ALA A 47 1.13 21.10 18.98
CA ALA A 47 0.09 22.13 18.56
C ALA A 47 -1.12 22.28 19.50
N TYR A 48 -1.52 21.20 20.12
CA TYR A 48 -2.69 21.23 21.07
C TYR A 48 -2.09 21.32 22.49
N ALA A 49 -0.80 21.50 22.55
CA ALA A 49 -0.01 21.63 23.80
C ALA A 49 -0.10 20.43 24.75
N LEU A 50 -0.39 19.27 24.22
CA LEU A 50 -0.52 18.08 25.10
C LEU A 50 0.81 17.70 25.77
N HIS A 51 1.87 17.92 25.04
CA HIS A 51 3.23 17.60 25.60
C HIS A 51 3.43 18.31 26.95
N LYS A 52 2.86 19.48 27.04
CA LYS A 52 2.95 20.28 28.28
C LYS A 52 2.44 19.48 29.47
N GLN A 53 1.61 18.53 29.20
CA GLN A 53 1.03 17.70 30.29
C GLN A 53 1.71 16.36 30.42
N MET A 54 2.87 16.23 29.84
CA MET A 54 3.62 14.94 29.91
C MET A 54 5.05 15.18 30.38
N ARG A 55 5.69 14.08 30.72
CA ARG A 55 7.10 14.11 31.20
C ARG A 55 7.75 13.69 29.89
N ILE A 56 8.63 14.48 29.39
CA ILE A 56 9.27 14.11 28.11
C ILE A 56 10.60 13.47 28.53
N VAL A 57 10.95 12.39 27.90
CA VAL A 57 12.21 11.69 28.20
C VAL A 57 12.81 11.63 26.82
N LYS A 58 14.10 11.70 26.78
CA LYS A 58 14.84 11.66 25.50
C LYS A 58 15.36 10.20 25.38
N PRO A 59 15.04 9.57 24.29
CA PRO A 59 15.42 8.16 24.08
C PRO A 59 16.92 7.96 23.96
N LYS A 60 17.30 6.72 24.09
CA LYS A 60 18.72 6.30 23.99
C LYS A 60 18.74 5.55 22.64
N VAL A 61 19.88 5.16 22.22
CA VAL A 61 19.98 4.42 20.95
C VAL A 61 20.29 3.07 21.59
N ALA A 62 19.55 2.08 21.21
CA ALA A 62 19.79 0.74 21.81
C ALA A 62 21.20 0.37 21.40
N SER A 63 21.73 -0.61 22.07
CA SER A 63 23.10 -1.05 21.74
C SER A 63 22.96 -2.37 21.07
N MET A 64 23.96 -2.74 20.34
CA MET A 64 23.92 -4.05 19.65
C MET A 64 23.54 -5.09 20.75
N GLU A 65 24.22 -5.03 21.86
CA GLU A 65 23.93 -5.98 22.99
C GLU A 65 22.49 -6.02 23.43
N GLU A 66 21.81 -4.92 23.24
CA GLU A 66 20.37 -4.82 23.65
C GLU A 66 19.43 -5.29 22.53
N MET A 67 19.77 -4.94 21.34
CA MET A 67 18.92 -5.38 20.21
C MET A 67 19.05 -6.89 20.18
N ALA A 68 20.26 -7.29 20.47
CA ALA A 68 20.70 -8.72 20.53
C ALA A 68 20.00 -9.52 21.65
N THR A 69 19.20 -8.86 22.45
CA THR A 69 18.52 -9.61 23.55
C THR A 69 17.45 -10.47 22.86
N PHE A 70 17.02 -9.98 21.74
CA PHE A 70 16.00 -10.69 20.95
C PHE A 70 16.60 -11.07 19.61
N HIS A 71 17.41 -10.25 19.01
CA HIS A 71 17.96 -10.65 17.65
C HIS A 71 19.32 -11.38 17.66
N THR A 72 19.50 -12.15 16.64
CA THR A 72 20.73 -12.92 16.51
C THR A 72 21.88 -12.03 16.09
N ASP A 73 22.95 -12.11 16.83
CA ASP A 73 24.20 -11.30 16.56
C ASP A 73 24.38 -11.23 15.08
N ALA A 74 24.33 -12.38 14.51
CA ALA A 74 24.48 -12.53 13.04
C ALA A 74 23.63 -11.53 12.25
N TYR A 75 22.37 -11.51 12.61
CA TYR A 75 21.40 -10.61 11.94
C TYR A 75 21.80 -9.16 12.15
N LEU A 76 21.95 -8.76 13.37
CA LEU A 76 22.34 -7.35 13.62
C LEU A 76 23.59 -6.96 12.90
N GLN A 77 24.54 -7.84 12.92
CA GLN A 77 25.86 -7.57 12.24
C GLN A 77 25.64 -7.37 10.74
N HIS A 78 24.83 -8.23 10.17
CA HIS A 78 24.54 -8.12 8.70
C HIS A 78 23.76 -6.84 8.43
N LEU A 79 22.67 -6.72 9.14
CA LEU A 79 21.77 -5.55 9.04
C LEU A 79 22.63 -4.29 8.98
N GLN A 80 23.44 -4.18 10.01
CA GLN A 80 24.37 -3.02 10.14
C GLN A 80 25.24 -2.86 8.89
N LYS A 81 25.94 -3.91 8.61
CA LYS A 81 26.85 -3.97 7.43
C LYS A 81 26.17 -3.30 6.24
N VAL A 82 25.06 -3.84 5.91
CA VAL A 82 24.31 -3.29 4.77
C VAL A 82 23.90 -1.81 5.00
N SER A 83 23.31 -1.54 6.14
CA SER A 83 22.83 -0.18 6.58
C SER A 83 23.64 0.99 6.06
N GLN A 84 24.88 0.76 5.79
CA GLN A 84 25.71 1.89 5.29
C GLN A 84 25.65 1.86 3.76
N GLU A 85 25.92 0.70 3.24
CA GLU A 85 25.94 0.49 1.78
C GLU A 85 24.64 0.91 1.10
N GLY A 86 23.56 0.34 1.52
CA GLY A 86 22.26 0.71 0.89
C GLY A 86 21.71 -0.52 0.21
N ASP A 87 21.13 -0.36 -0.94
CA ASP A 87 20.57 -1.57 -1.64
C ASP A 87 21.51 -2.02 -2.77
N ASP A 88 22.53 -2.74 -2.39
CA ASP A 88 23.55 -3.26 -3.37
C ASP A 88 23.49 -4.79 -3.20
N ALA A 104 16.18 -2.52 1.49
CA ALA A 104 17.40 -2.26 2.31
C ALA A 104 17.93 -0.97 1.74
N THR A 105 18.09 0.05 2.53
CA THR A 105 18.62 1.34 2.01
C THR A 105 19.67 1.63 3.08
N GLU A 106 20.08 2.86 3.18
CA GLU A 106 21.11 3.15 4.20
C GLU A 106 20.31 3.79 5.31
N GLY A 107 20.78 3.58 6.50
CA GLY A 107 20.10 4.16 7.70
C GLY A 107 19.42 3.13 8.56
N ILE A 108 18.66 2.25 7.94
CA ILE A 108 17.91 1.15 8.66
C ILE A 108 18.44 0.71 10.04
N PHE A 109 19.72 0.53 10.12
CA PHE A 109 20.33 0.11 11.41
C PHE A 109 20.34 1.30 12.36
N ASP A 110 20.78 2.42 11.89
CA ASP A 110 20.83 3.64 12.77
C ASP A 110 19.42 3.91 13.25
N TYR A 111 18.55 3.83 12.28
CA TYR A 111 17.06 4.04 12.40
C TYR A 111 16.45 3.11 13.45
N ALA A 112 16.68 1.86 13.20
CA ALA A 112 16.22 0.73 14.06
C ALA A 112 16.76 0.90 15.48
N ALA A 113 18.02 1.14 15.54
CA ALA A 113 18.72 1.33 16.85
C ALA A 113 18.02 2.36 17.71
N ALA A 114 17.61 3.38 17.02
CA ALA A 114 16.90 4.53 17.66
C ALA A 114 15.52 4.18 18.20
N ILE A 115 14.66 3.75 17.32
CA ILE A 115 13.28 3.38 17.74
C ILE A 115 13.38 2.31 18.82
N GLY A 116 14.25 1.35 18.57
CA GLY A 116 14.47 0.24 19.54
C GLY A 116 14.79 0.89 20.88
N GLY A 117 15.75 1.76 20.84
CA GLY A 117 16.19 2.48 22.07
C GLY A 117 15.00 3.17 22.72
N ALA A 118 14.24 3.82 21.90
CA ALA A 118 13.03 4.56 22.38
C ALA A 118 12.14 3.65 23.21
N THR A 119 11.71 2.59 22.59
CA THR A 119 10.82 1.59 23.28
C THR A 119 11.47 1.16 24.61
N ILE A 120 12.71 0.74 24.53
CA ILE A 120 13.41 0.32 25.78
C ILE A 120 13.40 1.45 26.81
N THR A 121 13.56 2.66 26.37
CA THR A 121 13.57 3.77 27.35
C THR A 121 12.19 3.85 28.03
N ALA A 122 11.15 3.58 27.24
CA ALA A 122 9.74 3.62 27.76
C ALA A 122 9.52 2.56 28.80
N ALA A 123 10.06 1.41 28.49
CA ALA A 123 9.96 0.23 29.39
C ALA A 123 10.72 0.57 30.66
N GLN A 124 11.93 0.99 30.49
CA GLN A 124 12.80 1.37 31.65
C GLN A 124 12.06 2.33 32.60
N CYS A 125 11.42 3.32 32.04
CA CYS A 125 10.69 4.32 32.91
C CYS A 125 9.57 3.62 33.68
N LEU A 126 8.86 2.76 32.99
CA LEU A 126 7.74 2.00 33.63
C LEU A 126 8.31 1.19 34.79
N ILE A 127 9.32 0.42 34.44
CA ILE A 127 10.07 -0.47 35.39
C ILE A 127 10.53 0.40 36.56
N ASP A 128 11.05 1.56 36.26
CA ASP A 128 11.52 2.48 37.35
C ASP A 128 10.35 3.30 37.91
N GLY A 129 9.22 2.68 38.12
CA GLY A 129 7.99 3.35 38.67
C GLY A 129 7.98 4.88 38.51
N MET A 130 8.26 5.27 37.30
CA MET A 130 8.32 6.72 36.95
C MET A 130 6.93 7.13 36.47
N CYS A 131 6.46 6.27 35.61
CA CYS A 131 5.14 6.44 34.98
C CYS A 131 4.42 5.09 34.96
N LYS A 132 3.15 5.12 34.66
CA LYS A 132 2.36 3.84 34.57
C LYS A 132 1.95 3.82 33.07
N VAL A 133 2.30 4.86 32.34
CA VAL A 133 1.99 4.97 30.90
C VAL A 133 3.27 5.56 30.30
N ALA A 134 3.83 4.98 29.29
CA ALA A 134 5.07 5.52 28.66
C ALA A 134 4.66 5.54 27.18
N ILE A 135 5.03 6.54 26.41
CA ILE A 135 4.63 6.59 24.95
C ILE A 135 5.78 6.68 23.95
N ASN A 136 5.67 5.91 22.90
CA ASN A 136 6.69 5.88 21.81
C ASN A 136 5.85 5.69 20.54
N TRP A 137 5.24 6.74 20.05
CA TRP A 137 4.39 6.59 18.81
C TRP A 137 5.15 6.21 17.57
N SER A 138 6.46 6.26 17.59
CA SER A 138 7.19 5.87 16.34
C SER A 138 7.62 4.38 16.40
N GLY A 139 7.18 3.72 17.44
CA GLY A 139 7.52 2.29 17.61
C GLY A 139 6.30 1.50 17.18
N GLY A 140 6.40 0.19 17.30
CA GLY A 140 5.27 -0.69 16.90
C GLY A 140 5.68 -1.57 15.75
N TRP A 141 6.95 -1.66 15.48
CA TRP A 141 7.41 -2.52 14.33
C TRP A 141 7.45 -3.98 14.82
N HIS A 142 6.26 -4.51 14.71
CA HIS A 142 5.88 -5.90 15.09
C HIS A 142 6.01 -7.01 14.05
N HIS A 143 6.57 -6.74 12.92
CA HIS A 143 6.71 -7.80 11.89
C HIS A 143 8.15 -8.34 11.88
N ALA A 144 9.01 -7.87 12.73
CA ALA A 144 10.41 -8.39 12.69
C ALA A 144 10.54 -9.64 13.57
N LYS A 145 11.51 -10.46 13.20
CA LYS A 145 11.81 -11.75 13.89
C LYS A 145 13.22 -11.57 14.46
N LYS A 146 13.63 -12.50 15.29
CA LYS A 146 14.99 -12.47 15.95
C LYS A 146 16.12 -12.48 14.94
N ASP A 147 15.85 -13.21 13.91
CA ASP A 147 16.84 -13.36 12.81
C ASP A 147 16.26 -12.98 11.43
N GLU A 148 15.27 -12.13 11.33
CA GLU A 148 14.75 -11.82 9.96
C GLU A 148 13.91 -10.54 10.00
N ALA A 149 13.96 -9.79 8.93
CA ALA A 149 13.18 -8.51 8.85
C ALA A 149 12.00 -8.85 8.02
N SER A 150 10.86 -8.38 8.40
CA SER A 150 9.61 -8.65 7.64
C SER A 150 8.81 -7.37 7.73
N GLY A 151 7.93 -7.20 6.77
CA GLY A 151 7.05 -5.98 6.69
C GLY A 151 7.77 -4.72 7.14
N PHE A 152 8.76 -4.40 6.37
CA PHE A 152 9.66 -3.21 6.55
C PHE A 152 10.04 -2.92 8.00
N CYS A 153 10.07 -3.98 8.78
CA CYS A 153 10.44 -3.95 10.22
C CYS A 153 11.73 -4.78 10.24
N TYR A 154 12.78 -4.16 10.73
CA TYR A 154 14.13 -4.80 10.81
C TYR A 154 14.53 -4.98 12.27
N LEU A 155 13.67 -4.56 13.14
CA LEU A 155 13.92 -4.68 14.60
C LEU A 155 12.51 -4.82 15.16
N ASN A 156 12.35 -5.62 16.16
CA ASN A 156 11.02 -5.82 16.78
C ASN A 156 11.11 -5.09 18.10
N ASP A 157 11.07 -3.80 17.98
CA ASP A 157 11.16 -2.95 19.21
C ASP A 157 10.09 -3.33 20.24
N ALA A 158 9.07 -4.00 19.80
CA ALA A 158 8.00 -4.39 20.78
C ALA A 158 8.59 -5.54 21.64
N VAL A 159 9.22 -6.52 21.03
CA VAL A 159 9.80 -7.64 21.85
C VAL A 159 10.81 -7.04 22.83
N LEU A 160 11.72 -6.25 22.31
CA LEU A 160 12.77 -5.61 23.16
C LEU A 160 12.19 -4.90 24.37
N GLY A 161 11.04 -4.35 24.21
CA GLY A 161 10.41 -3.62 25.36
C GLY A 161 9.80 -4.67 26.29
N ILE A 162 9.11 -5.62 25.71
CA ILE A 162 8.46 -6.71 26.52
C ILE A 162 9.57 -7.31 27.39
N LEU A 163 10.58 -7.81 26.75
CA LEU A 163 11.70 -8.41 27.48
C LEU A 163 12.06 -7.46 28.60
N ARG A 164 12.31 -6.24 28.25
CA ARG A 164 12.68 -5.25 29.30
C ARG A 164 11.67 -5.13 30.46
N LEU A 165 10.43 -5.39 30.16
CA LEU A 165 9.41 -5.31 31.22
C LEU A 165 9.55 -6.55 32.10
N ARG A 166 9.93 -7.66 31.52
CA ARG A 166 10.10 -8.93 32.28
C ARG A 166 10.89 -8.73 33.55
N ARG A 167 11.94 -7.96 33.46
CA ARG A 167 12.79 -7.68 34.67
C ARG A 167 12.02 -7.43 35.97
N LYS A 168 10.82 -6.95 35.87
CA LYS A 168 10.01 -6.67 37.10
C LYS A 168 8.62 -7.30 36.95
N PHE A 169 8.17 -7.39 35.73
CA PHE A 169 6.83 -7.96 35.46
C PHE A 169 6.98 -9.37 34.95
N GLU A 170 6.36 -10.28 35.65
CA GLU A 170 6.46 -11.71 35.22
C GLU A 170 5.56 -11.91 34.01
N ARG A 171 4.31 -11.51 34.11
CA ARG A 171 3.38 -11.68 32.95
C ARG A 171 3.16 -10.38 32.18
N ILE A 172 3.38 -10.41 30.88
CA ILE A 172 3.19 -9.17 30.05
C ILE A 172 2.09 -9.57 29.07
N LEU A 173 1.29 -8.59 28.76
CA LEU A 173 0.15 -8.75 27.81
C LEU A 173 0.46 -7.79 26.69
N TYR A 174 0.33 -8.26 25.49
CA TYR A 174 0.59 -7.41 24.29
C TYR A 174 -0.72 -7.41 23.52
N VAL A 175 -1.24 -6.25 23.27
CA VAL A 175 -2.51 -6.11 22.52
C VAL A 175 -2.03 -5.37 21.25
N ASP A 176 -2.49 -5.80 20.13
CA ASP A 176 -2.08 -5.17 18.85
C ASP A 176 -3.35 -4.67 18.18
N LEU A 177 -3.55 -3.39 18.08
CA LEU A 177 -4.81 -2.95 17.40
C LEU A 177 -4.49 -2.50 15.95
N ASP A 178 -3.28 -2.72 15.47
CA ASP A 178 -2.93 -2.29 14.06
C ASP A 178 -3.76 -3.23 13.17
N LEU A 179 -4.04 -2.81 11.97
CA LEU A 179 -4.84 -3.59 11.00
C LEU A 179 -4.25 -4.95 10.62
N HIS A 180 -2.96 -5.08 10.80
CA HIS A 180 -2.23 -6.36 10.46
C HIS A 180 -1.90 -7.24 11.70
N HIS A 181 -1.60 -8.48 11.39
CA HIS A 181 -1.27 -9.47 12.44
C HIS A 181 0.09 -9.12 13.02
N GLY A 182 0.13 -9.02 14.33
CA GLY A 182 1.39 -8.68 15.04
C GLY A 182 2.16 -9.97 15.27
N ASP A 183 2.39 -10.66 14.18
CA ASP A 183 3.13 -11.96 14.20
C ASP A 183 4.47 -11.88 14.91
N GLY A 184 5.36 -11.07 14.41
CA GLY A 184 6.73 -10.87 15.00
C GLY A 184 6.79 -11.14 16.47
N VAL A 185 5.94 -10.43 17.16
CA VAL A 185 5.84 -10.53 18.65
C VAL A 185 5.25 -11.90 19.02
N GLU A 186 4.09 -12.25 18.50
CA GLU A 186 3.44 -13.57 18.83
C GLU A 186 4.55 -14.63 18.74
N ASP A 187 5.00 -14.73 17.54
CA ASP A 187 6.08 -15.66 17.16
C ASP A 187 7.21 -15.63 18.20
N ALA A 188 7.72 -14.45 18.43
CA ALA A 188 8.82 -14.28 19.41
C ALA A 188 8.55 -15.06 20.68
N PHE A 189 7.33 -15.00 21.10
CA PHE A 189 6.97 -15.73 22.36
C PHE A 189 6.02 -16.93 22.22
N SER A 190 5.88 -17.62 21.12
CA SER A 190 4.88 -18.74 21.20
C SER A 190 5.35 -20.02 21.92
N PHE A 191 6.25 -19.89 22.86
CA PHE A 191 6.71 -21.09 23.60
C PHE A 191 6.69 -20.86 25.11
N THR A 192 6.22 -19.71 25.51
CA THR A 192 6.17 -19.42 26.95
C THR A 192 4.76 -18.99 27.22
N SER A 193 4.43 -18.95 28.47
CA SER A 193 3.08 -18.55 28.91
C SER A 193 3.32 -17.29 29.80
N LYS A 194 4.52 -16.77 29.73
CA LYS A 194 4.91 -15.55 30.52
C LYS A 194 4.48 -14.30 29.77
N VAL A 195 4.34 -14.46 28.48
CA VAL A 195 3.93 -13.32 27.61
C VAL A 195 2.66 -13.76 26.83
N MET A 196 1.61 -13.00 26.93
CA MET A 196 0.34 -13.33 26.20
C MET A 196 0.15 -12.20 25.15
N THR A 197 -0.25 -12.55 23.96
CA THR A 197 -0.46 -11.56 22.89
C THR A 197 -1.90 -11.65 22.39
N VAL A 198 -2.44 -10.54 21.96
CA VAL A 198 -3.82 -10.48 21.44
C VAL A 198 -3.67 -9.58 20.20
N SER A 199 -3.99 -10.09 19.04
CA SER A 199 -3.86 -9.31 17.81
C SER A 199 -5.22 -9.31 17.14
N LEU A 200 -5.74 -8.15 16.89
CA LEU A 200 -7.06 -8.07 16.21
C LEU A 200 -6.45 -7.60 14.90
N HIS A 201 -6.76 -8.22 13.82
CA HIS A 201 -6.17 -7.80 12.54
C HIS A 201 -7.13 -8.20 11.44
N LYS A 202 -6.80 -7.89 10.23
CA LYS A 202 -7.70 -8.25 9.12
C LYS A 202 -7.15 -9.60 8.77
N PHE A 203 -8.02 -10.50 8.41
CA PHE A 203 -7.58 -11.87 8.03
C PHE A 203 -8.32 -12.19 6.78
N SER A 204 -7.65 -12.22 5.67
CA SER A 204 -8.34 -12.55 4.41
C SER A 204 -7.22 -13.15 3.55
N PRO A 205 -7.50 -14.25 2.89
CA PRO A 205 -6.54 -14.90 1.96
C PRO A 205 -5.80 -13.99 1.01
N GLY A 206 -4.57 -13.70 1.31
CA GLY A 206 -3.79 -12.82 0.39
C GLY A 206 -3.47 -11.53 1.10
N PHE A 207 -4.05 -11.35 2.26
CA PHE A 207 -3.77 -10.10 2.95
C PHE A 207 -2.61 -10.50 3.84
N PHE A 208 -1.69 -9.58 3.89
CA PHE A 208 -0.43 -9.72 4.70
C PHE A 208 -0.73 -9.87 6.22
N PRO A 209 0.23 -10.33 6.97
CA PRO A 209 1.21 -11.34 6.54
C PRO A 209 0.46 -12.59 6.11
N GLY A 210 -0.71 -12.79 6.63
CA GLY A 210 -1.48 -14.00 6.23
C GLY A 210 -1.68 -14.96 7.41
N THR A 211 -0.91 -14.74 8.42
CA THR A 211 -0.95 -15.56 9.64
C THR A 211 -1.92 -14.91 10.62
N GLY A 212 -2.38 -15.62 11.62
CA GLY A 212 -3.32 -15.02 12.64
C GLY A 212 -4.74 -15.61 12.65
N ASP A 213 -4.94 -16.77 12.10
CA ASP A 213 -6.33 -17.26 12.16
C ASP A 213 -6.59 -17.54 13.62
N VAL A 214 -7.84 -17.61 14.04
CA VAL A 214 -8.15 -17.88 15.50
C VAL A 214 -7.52 -19.20 16.04
N SER A 215 -7.32 -20.18 15.18
CA SER A 215 -6.72 -21.47 15.63
C SER A 215 -5.24 -21.31 15.92
N ASP A 216 -4.73 -20.16 15.67
CA ASP A 216 -3.30 -19.94 15.93
C ASP A 216 -3.21 -19.46 17.36
N VAL A 217 -3.03 -20.43 18.22
CA VAL A 217 -2.92 -20.16 19.68
C VAL A 217 -1.53 -20.33 20.27
N GLY A 218 -0.52 -20.57 19.50
CA GLY A 218 0.83 -20.73 20.13
C GLY A 218 1.35 -22.17 19.98
N LEU A 219 2.53 -22.44 20.47
CA LEU A 219 3.15 -23.81 20.39
C LEU A 219 3.54 -24.26 21.79
N GLY A 220 4.15 -25.41 21.86
CA GLY A 220 4.61 -26.06 23.13
C GLY A 220 3.92 -25.60 24.42
N LYS A 221 4.62 -24.83 25.20
CA LYS A 221 4.05 -24.32 26.49
C LYS A 221 3.48 -22.92 26.27
N GLY A 222 3.74 -22.37 25.12
CA GLY A 222 3.24 -21.02 24.83
C GLY A 222 2.12 -21.33 23.87
N ARG A 223 1.22 -22.13 24.35
CA ARG A 223 0.04 -22.55 23.56
C ARG A 223 -1.11 -22.06 24.41
N TYR A 224 -2.02 -21.39 23.78
CA TYR A 224 -3.25 -20.77 24.37
C TYR A 224 -2.87 -19.41 24.97
N TYR A 225 -1.63 -19.05 24.78
CA TYR A 225 -1.12 -17.74 25.31
C TYR A 225 -0.83 -16.82 24.11
N SER A 226 -1.48 -17.09 23.01
CA SER A 226 -1.33 -16.29 21.77
C SER A 226 -2.80 -16.21 21.28
N VAL A 227 -3.36 -15.03 21.20
CA VAL A 227 -4.77 -14.85 20.75
C VAL A 227 -4.80 -14.06 19.43
N ASN A 228 -5.65 -14.46 18.51
CA ASN A 228 -5.79 -13.76 17.19
C ASN A 228 -7.26 -13.66 16.86
N VAL A 229 -7.71 -12.47 16.59
CA VAL A 229 -9.14 -12.22 16.26
C VAL A 229 -9.18 -11.73 14.78
N PRO A 230 -9.46 -12.62 13.85
CA PRO A 230 -9.65 -12.31 12.41
C PRO A 230 -10.85 -11.41 12.18
N ILE A 231 -10.65 -10.24 11.65
CA ILE A 231 -11.82 -9.35 11.39
C ILE A 231 -11.77 -9.11 9.87
N GLN A 232 -12.86 -8.65 9.30
CA GLN A 232 -12.90 -8.39 7.83
C GLN A 232 -13.05 -6.87 7.63
N ASP A 233 -13.09 -6.48 6.39
CA ASP A 233 -13.23 -5.04 6.13
C ASP A 233 -14.60 -4.48 6.54
N GLY A 234 -14.56 -3.21 6.76
CA GLY A 234 -15.77 -2.47 7.15
C GLY A 234 -16.16 -2.46 8.59
N ILE A 235 -15.32 -2.89 9.49
CA ILE A 235 -15.83 -2.84 10.89
C ILE A 235 -15.70 -1.41 11.35
N GLN A 236 -16.66 -1.02 12.11
CA GLN A 236 -16.68 0.34 12.64
C GLN A 236 -16.57 0.19 14.14
N ASP A 237 -16.30 1.33 14.67
CA ASP A 237 -16.12 1.60 16.11
C ASP A 237 -16.94 0.74 17.07
N GLU A 238 -18.18 0.57 16.72
CA GLU A 238 -19.14 -0.22 17.55
C GLU A 238 -18.78 -1.68 17.72
N LYS A 239 -18.80 -2.40 16.64
CA LYS A 239 -18.50 -3.85 16.66
C LYS A 239 -17.04 -4.06 17.04
N TYR A 240 -16.15 -3.28 16.50
CA TYR A 240 -14.71 -3.47 16.83
C TYR A 240 -14.52 -3.47 18.36
N TYR A 241 -15.02 -2.46 19.02
CA TYR A 241 -14.86 -2.38 20.51
C TYR A 241 -15.53 -3.55 21.21
N GLN A 242 -16.70 -3.93 20.77
CA GLN A 242 -17.39 -5.07 21.42
C GLN A 242 -16.44 -6.28 21.45
N ILE A 243 -15.81 -6.49 20.34
CA ILE A 243 -14.86 -7.62 20.22
C ILE A 243 -13.66 -7.34 21.12
N CYS A 244 -13.11 -6.17 20.99
CA CYS A 244 -11.93 -5.76 21.81
C CYS A 244 -12.23 -6.09 23.30
N GLU A 245 -13.24 -5.43 23.84
CA GLU A 245 -13.65 -5.62 25.25
C GLU A 245 -13.89 -7.04 25.71
N SER A 246 -14.71 -7.79 25.04
CA SER A 246 -14.94 -9.19 25.55
C SER A 246 -13.62 -9.94 25.56
N VAL A 247 -12.91 -9.90 24.46
CA VAL A 247 -11.61 -10.61 24.37
C VAL A 247 -10.69 -10.17 25.54
N LEU A 248 -10.45 -8.90 25.62
CA LEU A 248 -9.58 -8.39 26.70
C LEU A 248 -10.10 -8.83 28.07
N LYS A 249 -11.39 -8.77 28.21
CA LYS A 249 -12.04 -9.16 29.48
C LYS A 249 -11.64 -10.59 29.83
N GLU A 250 -11.85 -11.47 28.91
CA GLU A 250 -11.50 -12.91 29.16
C GLU A 250 -10.06 -13.04 29.59
N VAL A 251 -9.24 -12.50 28.74
CA VAL A 251 -7.76 -12.50 28.92
C VAL A 251 -7.33 -12.03 30.34
N TYR A 252 -7.58 -10.79 30.60
CA TYR A 252 -7.23 -10.14 31.91
C TYR A 252 -7.38 -11.06 33.13
N GLN A 253 -8.50 -11.68 33.21
CA GLN A 253 -8.76 -12.59 34.37
C GLN A 253 -8.22 -14.01 34.15
N ALA A 254 -8.05 -14.40 32.92
CA ALA A 254 -7.54 -15.78 32.67
C ALA A 254 -6.05 -15.74 32.32
N PHE A 255 -5.41 -14.67 32.73
CA PHE A 255 -3.96 -14.46 32.47
C PHE A 255 -3.38 -13.51 33.55
N ASN A 256 -4.21 -12.68 34.14
CA ASN A 256 -3.76 -11.71 35.21
C ASN A 256 -2.34 -11.14 34.97
N PRO A 257 -2.29 -10.17 34.09
CA PRO A 257 -1.01 -9.62 33.60
C PRO A 257 -0.50 -8.63 34.64
N LYS A 258 0.71 -8.17 34.44
CA LYS A 258 1.30 -7.20 35.39
C LYS A 258 1.70 -5.96 34.63
N ALA A 259 1.89 -6.06 33.34
CA ALA A 259 2.28 -4.89 32.45
C ALA A 259 1.57 -5.09 31.08
N VAL A 260 1.37 -4.05 30.30
CA VAL A 260 0.69 -4.15 28.95
C VAL A 260 1.53 -3.38 27.90
N VAL A 261 1.59 -3.89 26.69
CA VAL A 261 2.35 -3.25 25.59
C VAL A 261 1.20 -3.21 24.60
N LEU A 262 0.86 -2.03 24.23
CA LEU A 262 -0.27 -1.81 23.29
C LEU A 262 0.34 -1.16 22.09
N GLN A 263 0.00 -1.66 20.94
CA GLN A 263 0.53 -1.10 19.68
C GLN A 263 -0.74 -0.56 19.05
N LEU A 264 -0.76 0.66 18.62
CA LEU A 264 -2.00 1.25 18.01
C LEU A 264 -1.81 1.73 16.54
N GLY A 265 -1.20 0.92 15.72
CA GLY A 265 -0.99 1.27 14.28
C GLY A 265 -2.31 1.80 13.78
N ALA A 266 -2.33 2.94 13.15
CA ALA A 266 -3.61 3.53 12.65
C ALA A 266 -3.94 3.23 11.20
N ASP A 267 -3.98 1.97 10.89
CA ASP A 267 -4.30 1.54 9.49
C ASP A 267 -5.74 0.99 9.48
N THR A 268 -6.41 1.15 10.59
CA THR A 268 -7.80 0.68 10.76
C THR A 268 -8.72 1.91 10.63
N ILE A 269 -8.11 3.03 10.79
CA ILE A 269 -8.81 4.31 10.71
C ILE A 269 -9.17 4.53 9.24
N ALA A 270 -10.37 5.04 9.05
CA ALA A 270 -10.92 5.33 7.68
C ALA A 270 -10.09 6.45 7.06
N GLY A 271 -9.82 6.36 5.78
CA GLY A 271 -9.01 7.40 5.07
C GLY A 271 -7.77 6.72 4.49
N ASP A 272 -7.14 6.05 5.40
CA ASP A 272 -5.88 5.27 5.15
C ASP A 272 -5.84 4.53 3.81
N PRO A 273 -4.72 4.60 3.09
CA PRO A 273 -4.49 3.83 1.84
C PRO A 273 -5.04 2.40 1.94
N MET A 274 -4.71 1.83 3.05
CA MET A 274 -5.14 0.44 3.39
C MET A 274 -6.60 0.20 3.04
N CYS A 275 -7.39 1.21 3.29
CA CYS A 275 -8.88 1.20 3.05
C CYS A 275 -9.43 -0.19 3.43
N SER A 276 -9.31 -0.54 4.68
CA SER A 276 -9.83 -1.88 5.14
C SER A 276 -10.81 -1.79 6.27
N PHE A 277 -10.46 -1.12 7.32
CA PHE A 277 -11.45 -1.03 8.46
C PHE A 277 -12.00 0.35 8.33
N ASN A 278 -13.01 0.63 9.11
CA ASN A 278 -13.70 1.95 9.09
C ASN A 278 -13.77 2.47 10.49
N MET A 279 -12.62 2.65 11.07
CA MET A 279 -12.56 3.16 12.48
C MET A 279 -12.20 4.64 12.54
N THR A 280 -12.36 5.16 13.72
CA THR A 280 -12.06 6.57 13.99
C THR A 280 -11.34 6.51 15.35
N PRO A 281 -10.48 7.44 15.66
CA PRO A 281 -9.70 7.45 16.94
C PRO A 281 -10.55 7.18 18.18
N VAL A 282 -11.80 7.53 18.10
CA VAL A 282 -12.72 7.33 19.25
C VAL A 282 -12.88 5.83 19.61
N GLY A 283 -13.10 5.01 18.62
CA GLY A 283 -13.28 3.53 18.85
C GLY A 283 -12.04 3.04 19.54
N ILE A 284 -10.94 3.27 18.87
CA ILE A 284 -9.62 2.86 19.41
C ILE A 284 -9.47 3.46 20.82
N GLY A 285 -9.98 4.65 20.98
CA GLY A 285 -9.90 5.36 22.29
C GLY A 285 -10.65 4.62 23.38
N LYS A 286 -11.75 3.98 23.07
CA LYS A 286 -12.49 3.24 24.16
C LYS A 286 -11.73 1.97 24.44
N CYS A 287 -11.10 1.44 23.42
CA CYS A 287 -10.31 0.20 23.59
C CYS A 287 -9.10 0.60 24.48
N LEU A 288 -8.59 1.79 24.25
CA LEU A 288 -7.42 2.29 25.05
C LEU A 288 -7.91 2.50 26.51
N LYS A 289 -8.95 3.27 26.68
CA LYS A 289 -9.48 3.52 28.07
C LYS A 289 -9.65 2.17 28.78
N TYR A 290 -10.29 1.24 28.11
CA TYR A 290 -10.53 -0.14 28.69
C TYR A 290 -9.24 -0.77 29.29
N ILE A 291 -8.14 -0.53 28.65
CA ILE A 291 -6.86 -1.08 29.13
C ILE A 291 -6.40 -0.13 30.25
N LEU A 292 -6.18 1.11 29.92
CA LEU A 292 -5.73 2.07 30.98
C LEU A 292 -6.38 1.87 32.35
N GLN A 293 -7.66 1.64 32.37
CA GLN A 293 -8.36 1.44 33.68
C GLN A 293 -7.72 0.33 34.52
N TRP A 294 -7.19 -0.69 33.89
CA TRP A 294 -6.54 -1.82 34.63
C TRP A 294 -5.57 -1.24 35.68
N GLN A 295 -4.99 -0.12 35.39
CA GLN A 295 -4.00 0.60 36.27
C GLN A 295 -2.65 -0.12 36.18
N LEU A 296 -2.36 -0.69 35.05
CA LEU A 296 -1.07 -1.42 34.91
C LEU A 296 -0.08 -0.58 34.11
N ALA A 297 1.16 -0.97 34.22
CA ALA A 297 2.28 -0.30 33.52
C ALA A 297 2.03 -0.53 32.04
N THR A 298 1.72 0.50 31.31
CA THR A 298 1.46 0.35 29.86
C THR A 298 2.50 1.07 29.01
N LEU A 299 2.88 0.40 27.97
CA LEU A 299 3.89 0.94 27.02
C LEU A 299 2.94 1.13 25.84
N ILE A 300 2.93 2.29 25.28
CA ILE A 300 2.05 2.63 24.13
C ILE A 300 2.96 2.86 22.91
N LEU A 301 2.66 2.12 21.88
CA LEU A 301 3.43 2.19 20.60
C LEU A 301 2.49 2.56 19.47
N GLY A 302 3.06 2.77 18.31
CA GLY A 302 2.24 3.15 17.13
C GLY A 302 2.21 2.04 16.12
N GLY A 303 2.86 2.20 15.01
CA GLY A 303 2.88 1.14 13.96
C GLY A 303 2.35 1.80 12.66
N GLY A 304 1.63 1.09 11.83
CA GLY A 304 1.11 1.70 10.54
C GLY A 304 0.31 2.99 10.73
N GLY A 305 -0.10 3.59 9.65
CA GLY A 305 -0.88 4.87 9.72
C GLY A 305 -0.35 5.62 8.51
N TYR A 306 -0.81 5.17 7.38
CA TYR A 306 -0.41 5.74 6.05
C TYR A 306 -1.25 6.87 5.48
N ASN A 307 -1.79 7.66 6.36
CA ASN A 307 -2.64 8.85 6.00
C ASN A 307 -2.15 9.79 7.05
N LEU A 308 -0.94 10.18 6.85
CA LEU A 308 -0.22 11.11 7.74
C LEU A 308 -1.14 11.95 8.61
N ALA A 309 -1.76 12.93 8.01
CA ALA A 309 -2.68 13.84 8.78
C ALA A 309 -3.57 13.10 9.76
N ASN A 310 -4.19 12.11 9.24
CA ASN A 310 -5.11 11.30 10.09
C ASN A 310 -4.34 10.55 11.16
N THR A 311 -3.29 9.84 10.82
CA THR A 311 -2.52 9.09 11.86
C THR A 311 -2.21 10.05 13.00
N ALA A 312 -1.86 11.26 12.61
CA ALA A 312 -1.52 12.32 13.61
C ALA A 312 -2.79 12.69 14.35
N ARG A 313 -3.90 12.68 13.65
CA ARG A 313 -5.19 13.03 14.32
C ARG A 313 -5.45 11.97 15.37
N CYS A 314 -5.17 10.77 14.98
CA CYS A 314 -5.39 9.60 15.87
C CYS A 314 -4.50 9.51 17.10
N TRP A 315 -3.21 9.51 16.93
CA TRP A 315 -2.37 9.42 18.15
C TRP A 315 -2.52 10.71 18.93
N THR A 316 -2.76 11.84 18.29
CA THR A 316 -2.92 13.08 19.10
C THR A 316 -4.23 12.86 19.90
N TYR A 317 -5.20 12.26 19.28
CA TYR A 317 -6.47 12.03 20.01
C TYR A 317 -6.16 11.09 21.15
N LEU A 318 -5.65 9.94 20.86
CA LEU A 318 -5.35 8.97 21.95
C LEU A 318 -4.49 9.64 23.05
N THR A 319 -3.52 10.42 22.68
CA THR A 319 -2.66 11.10 23.70
C THR A 319 -3.53 11.99 24.61
N GLY A 320 -4.68 12.36 24.13
CA GLY A 320 -5.61 13.22 24.92
C GLY A 320 -6.35 12.33 25.87
N VAL A 321 -6.77 11.21 25.34
CA VAL A 321 -7.51 10.20 26.13
C VAL A 321 -6.66 9.91 27.38
N ILE A 322 -5.42 9.61 27.12
CA ILE A 322 -4.45 9.29 28.22
C ILE A 322 -4.32 10.45 29.21
N LEU A 323 -4.46 11.65 28.74
CA LEU A 323 -4.35 12.86 29.62
C LEU A 323 -5.67 13.25 30.24
N GLY A 324 -6.74 12.72 29.71
CA GLY A 324 -8.09 13.06 30.27
C GLY A 324 -8.42 14.46 29.81
N LYS A 325 -8.01 14.82 28.62
CA LYS A 325 -8.30 16.18 28.09
C LYS A 325 -9.20 15.96 26.90
N THR A 326 -10.10 16.86 26.71
CA THR A 326 -11.05 16.77 25.59
C THR A 326 -10.33 17.70 24.62
N LEU A 327 -10.23 17.29 23.39
CA LEU A 327 -9.52 18.13 22.39
C LEU A 327 -10.45 18.90 21.51
N SER A 328 -9.92 20.01 21.09
CA SER A 328 -10.64 20.94 20.21
C SER A 328 -10.73 20.19 18.92
N SER A 329 -11.63 20.65 18.12
CA SER A 329 -11.87 20.05 16.80
C SER A 329 -11.35 21.04 15.78
N GLU A 330 -10.70 22.08 16.22
CA GLU A 330 -10.18 23.05 15.23
C GLU A 330 -8.73 22.65 15.24
N ILE A 331 -8.23 22.27 14.10
CA ILE A 331 -6.81 21.86 14.00
C ILE A 331 -6.02 23.19 14.16
N PRO A 332 -5.22 23.33 15.19
CA PRO A 332 -4.39 24.55 15.39
C PRO A 332 -3.57 24.94 14.16
N ASP A 333 -2.93 26.06 14.24
CA ASP A 333 -2.11 26.53 13.09
C ASP A 333 -0.73 26.02 13.39
N HIS A 334 -0.48 24.86 12.91
CA HIS A 334 0.86 24.27 13.14
C HIS A 334 1.50 24.15 11.74
N GLU A 335 2.78 23.97 11.76
CA GLU A 335 3.57 23.82 10.50
C GLU A 335 2.92 22.90 9.46
N PHE A 336 2.13 21.97 9.89
CA PHE A 336 1.50 21.03 8.91
C PHE A 336 0.00 21.19 8.69
N PHE A 337 -0.55 22.29 9.13
CA PHE A 337 -2.01 22.64 9.01
C PHE A 337 -2.72 22.39 7.65
N THR A 338 -2.15 22.88 6.61
CA THR A 338 -2.72 22.72 5.25
C THR A 338 -3.07 21.26 4.85
N ALA A 339 -2.52 20.32 5.58
CA ALA A 339 -2.75 18.86 5.30
C ALA A 339 -3.99 18.30 5.96
N TYR A 340 -4.67 19.11 6.74
CA TYR A 340 -5.91 18.60 7.43
C TYR A 340 -7.12 19.11 6.67
N GLY A 341 -6.93 19.15 5.38
CA GLY A 341 -8.01 19.62 4.49
C GLY A 341 -9.16 18.65 4.58
N PRO A 342 -10.25 18.94 3.91
CA PRO A 342 -10.69 20.31 3.50
C PRO A 342 -11.60 20.85 4.58
N ASP A 343 -11.69 20.12 5.65
CA ASP A 343 -12.55 20.54 6.78
C ASP A 343 -11.71 21.04 7.92
N TYR A 344 -10.45 20.75 7.91
CA TYR A 344 -9.55 21.20 9.01
C TYR A 344 -10.12 21.07 10.44
N VAL A 345 -10.54 19.88 10.75
CA VAL A 345 -11.09 19.55 12.10
C VAL A 345 -10.36 18.24 12.51
N LEU A 346 -10.55 17.87 13.73
CA LEU A 346 -9.89 16.63 14.25
C LEU A 346 -10.69 15.33 14.09
N GLU A 347 -11.98 15.41 14.10
CA GLU A 347 -12.72 14.14 13.96
C GLU A 347 -12.51 13.56 12.58
N ILE A 348 -12.76 12.29 12.48
CA ILE A 348 -12.62 11.55 11.20
C ILE A 348 -14.01 10.96 11.02
N THR A 349 -14.52 10.89 9.82
CA THR A 349 -15.88 10.33 9.57
C THR A 349 -15.64 9.00 8.84
N PRO A 350 -16.35 7.97 9.17
CA PRO A 350 -16.13 6.67 8.52
C PRO A 350 -16.53 6.78 7.06
N SER A 351 -15.87 6.02 6.24
CA SER A 351 -16.19 6.04 4.79
C SER A 351 -17.53 5.33 4.63
N CYS A 352 -18.14 5.50 3.49
CA CYS A 352 -19.43 4.84 3.27
C CYS A 352 -19.14 3.50 2.66
N ARG A 353 -18.69 2.60 3.50
CA ARG A 353 -18.35 1.22 3.04
C ARG A 353 -19.05 0.20 4.00
N PRO A 354 -19.54 -0.90 3.43
CA PRO A 354 -20.12 -2.04 4.18
C PRO A 354 -19.13 -2.72 5.14
N ASP A 355 -19.75 -3.39 6.09
CA ASP A 355 -19.08 -4.16 7.17
C ASP A 355 -19.29 -5.53 6.60
N ARG A 356 -18.25 -6.27 6.38
CA ARG A 356 -18.45 -7.63 5.82
C ARG A 356 -18.34 -8.61 6.96
N ASN A 357 -18.54 -8.07 8.13
CA ASN A 357 -18.46 -8.90 9.34
C ASN A 357 -19.88 -9.30 9.67
N GLU A 358 -20.11 -10.53 9.56
CA GLU A 358 -21.38 -11.21 9.92
C GLU A 358 -21.33 -11.40 11.44
C GLU A 358 -21.35 -11.52 11.42
N PRO A 359 -22.24 -10.93 12.17
CA PRO A 359 -22.20 -10.89 13.65
C PRO A 359 -22.11 -12.26 14.37
N HIS A 360 -22.48 -13.32 13.70
CA HIS A 360 -22.42 -14.64 14.38
C HIS A 360 -21.02 -15.24 14.19
N ARG A 361 -20.42 -15.08 13.03
CA ARG A 361 -19.04 -15.65 12.83
C ARG A 361 -18.19 -15.10 13.97
N ILE A 362 -18.32 -13.82 14.19
CA ILE A 362 -17.55 -13.12 15.29
C ILE A 362 -17.82 -13.84 16.59
N GLN A 363 -19.05 -14.25 16.76
CA GLN A 363 -19.44 -14.97 18.00
C GLN A 363 -18.76 -16.34 17.99
N GLN A 364 -18.65 -16.93 16.83
CA GLN A 364 -17.98 -18.26 16.75
C GLN A 364 -16.55 -18.03 17.24
N ILE A 365 -15.91 -17.02 16.72
CA ILE A 365 -14.51 -16.69 17.13
C ILE A 365 -14.45 -16.39 18.65
N LEU A 366 -15.21 -15.44 19.13
CA LEU A 366 -15.17 -15.12 20.60
C LEU A 366 -15.34 -16.41 21.43
N ASN A 367 -16.24 -17.24 20.99
CA ASN A 367 -16.47 -18.51 21.71
C ASN A 367 -15.18 -19.32 21.75
N TYR A 368 -14.68 -19.58 20.57
CA TYR A 368 -13.41 -20.36 20.35
C TYR A 368 -12.36 -19.89 21.32
N ILE A 369 -12.12 -18.61 21.22
CA ILE A 369 -11.12 -17.91 22.07
C ILE A 369 -11.40 -18.25 23.52
N LYS A 370 -12.56 -17.94 24.00
CA LYS A 370 -12.88 -18.25 25.43
C LYS A 370 -12.53 -19.71 25.75
N GLY A 371 -12.71 -20.55 24.78
CA GLY A 371 -12.39 -22.00 24.99
C GLY A 371 -10.89 -22.07 25.16
N ASN A 372 -10.18 -21.56 24.20
CA ASN A 372 -8.69 -21.54 24.21
C ASN A 372 -8.17 -21.03 25.56
N LEU A 373 -8.85 -20.03 26.06
CA LEU A 373 -8.50 -19.40 27.37
C LEU A 373 -8.75 -20.34 28.51
N LYS A 374 -9.65 -21.24 28.33
CA LYS A 374 -9.91 -22.22 29.43
C LYS A 374 -8.60 -23.01 29.64
N HIS A 375 -7.65 -22.87 28.76
CA HIS A 375 -6.37 -23.61 28.92
C HIS A 375 -5.28 -22.67 29.42
N VAL A 376 -5.65 -21.50 29.86
CA VAL A 376 -4.62 -20.56 30.35
C VAL A 376 -4.75 -20.49 31.89
N VAL A 377 -3.64 -20.77 32.49
CA VAL A 377 -3.51 -20.78 33.95
C VAL A 377 -2.34 -19.85 34.36
N VAL B 15 8.01 -6.79 -36.09
CA VAL B 15 7.49 -7.53 -34.92
C VAL B 15 7.16 -6.45 -33.88
N PRO B 16 6.57 -6.80 -32.74
CA PRO B 16 6.35 -5.80 -31.67
C PRO B 16 7.66 -5.14 -31.35
N VAL B 17 7.57 -4.02 -30.69
CA VAL B 17 8.77 -3.25 -30.29
C VAL B 17 8.74 -3.38 -28.80
N TYR B 18 9.92 -3.44 -28.29
CA TYR B 18 10.21 -3.58 -26.86
C TYR B 18 11.14 -2.41 -26.64
N ILE B 19 10.74 -1.53 -25.80
CA ILE B 19 11.52 -0.32 -25.48
C ILE B 19 12.38 -0.74 -24.27
N TYR B 20 13.57 -1.12 -24.58
CA TYR B 20 14.55 -1.55 -23.55
C TYR B 20 15.84 -0.75 -23.77
N SER B 21 16.58 -0.55 -22.72
CA SER B 21 17.86 0.18 -22.76
C SER B 21 18.40 -0.18 -21.40
N PRO B 22 19.61 -0.73 -21.30
CA PRO B 22 20.35 -0.85 -20.02
C PRO B 22 20.19 0.36 -19.12
N GLU B 23 20.37 1.46 -19.77
CA GLU B 23 20.28 2.79 -19.10
C GLU B 23 18.84 3.05 -18.64
N TYR B 24 17.92 2.55 -19.39
CA TYR B 24 16.48 2.75 -19.03
C TYR B 24 16.10 1.85 -17.86
N VAL B 25 16.56 0.63 -17.88
CA VAL B 25 16.20 -0.28 -16.77
C VAL B 25 16.93 0.22 -15.53
N SER B 26 18.21 0.50 -15.61
CA SER B 26 18.91 1.01 -14.39
C SER B 26 18.13 2.24 -13.86
N MET B 27 17.71 3.07 -14.78
CA MET B 27 16.95 4.29 -14.39
C MET B 27 15.73 3.83 -13.55
N CYS B 28 14.84 3.13 -14.23
CA CYS B 28 13.59 2.60 -13.64
C CYS B 28 13.70 1.68 -12.43
N ASP B 29 14.87 1.29 -12.06
CA ASP B 29 14.97 0.39 -10.88
C ASP B 29 15.51 1.13 -9.70
N SER B 30 15.56 2.45 -9.71
CA SER B 30 16.13 3.11 -8.50
C SER B 30 15.48 4.13 -7.56
N LEU B 31 15.30 5.35 -8.02
CA LEU B 31 14.70 6.47 -7.21
C LEU B 31 14.32 6.11 -5.77
N ALA B 32 15.29 6.27 -4.92
CA ALA B 32 15.20 5.99 -3.44
C ALA B 32 14.22 4.90 -2.98
N LYS B 33 12.95 5.08 -3.21
CA LYS B 33 11.92 4.09 -2.79
C LYS B 33 11.36 3.34 -4.01
N ILE B 34 12.11 3.29 -5.07
CA ILE B 34 11.67 2.58 -6.31
C ILE B 34 12.38 1.20 -6.19
N PRO B 35 11.68 0.11 -5.92
CA PRO B 35 12.32 -1.24 -5.79
C PRO B 35 12.46 -1.80 -7.24
N LYS B 36 13.49 -2.57 -7.44
CA LYS B 36 13.88 -3.24 -8.75
C LYS B 36 12.91 -4.03 -9.70
N ARG B 37 11.67 -3.63 -9.75
CA ARG B 37 10.67 -4.31 -10.61
C ARG B 37 11.09 -4.29 -12.09
N ALA B 38 11.72 -3.25 -12.53
CA ALA B 38 12.11 -3.25 -13.98
C ALA B 38 13.10 -4.35 -14.41
N SER B 39 14.07 -4.68 -13.61
CA SER B 39 15.00 -5.75 -14.09
C SER B 39 14.28 -7.08 -14.03
N MET B 40 13.42 -7.23 -13.06
CA MET B 40 12.67 -8.51 -12.93
C MET B 40 11.88 -8.84 -14.17
N VAL B 41 11.12 -7.87 -14.61
CA VAL B 41 10.28 -8.07 -15.83
C VAL B 41 11.17 -8.32 -17.03
N HIS B 42 12.19 -7.51 -17.22
CA HIS B 42 13.04 -7.78 -18.42
C HIS B 42 13.68 -9.11 -18.26
N SER B 43 14.41 -9.25 -17.19
CA SER B 43 15.11 -10.53 -16.88
C SER B 43 14.25 -11.77 -17.21
N LEU B 44 12.97 -11.76 -16.87
CA LEU B 44 12.09 -12.95 -17.17
C LEU B 44 11.72 -12.96 -18.67
N ILE B 45 11.36 -11.85 -19.26
CA ILE B 45 11.00 -11.81 -20.72
C ILE B 45 12.25 -12.29 -21.51
N GLU B 46 13.37 -11.77 -21.08
CA GLU B 46 14.71 -12.08 -21.67
C GLU B 46 14.88 -13.60 -21.47
N ALA B 47 14.70 -14.04 -20.24
CA ALA B 47 14.82 -15.48 -19.86
C ALA B 47 13.93 -16.38 -20.68
N TYR B 48 12.73 -15.97 -20.96
CA TYR B 48 11.85 -16.87 -21.79
C TYR B 48 12.19 -16.64 -23.26
N ALA B 49 13.16 -15.78 -23.48
CA ALA B 49 13.66 -15.39 -24.84
C ALA B 49 12.63 -14.68 -25.70
N LEU B 50 11.69 -14.03 -25.07
CA LEU B 50 10.64 -13.32 -25.89
C LEU B 50 11.28 -12.19 -26.67
N HIS B 51 12.11 -11.45 -26.00
CA HIS B 51 12.82 -10.30 -26.66
C HIS B 51 13.31 -10.61 -28.07
N LYS B 52 13.81 -11.79 -28.24
CA LYS B 52 14.34 -12.23 -29.57
C LYS B 52 13.31 -12.10 -30.67
N GLN B 53 12.09 -12.16 -30.28
CA GLN B 53 10.97 -12.06 -31.27
C GLN B 53 10.34 -10.70 -31.36
N MET B 54 11.00 -9.73 -30.80
CA MET B 54 10.49 -8.35 -30.82
C MET B 54 11.60 -7.53 -31.44
N ARG B 55 11.32 -6.27 -31.55
CA ARG B 55 12.28 -5.32 -32.12
C ARG B 55 12.64 -4.59 -30.84
N ILE B 56 13.89 -4.50 -30.54
CA ILE B 56 14.27 -3.80 -29.29
C ILE B 56 14.60 -2.42 -29.82
N VAL B 57 14.02 -1.43 -29.22
CA VAL B 57 14.27 -0.04 -29.65
C VAL B 57 14.72 0.65 -28.41
N LYS B 58 15.66 1.51 -28.57
CA LYS B 58 16.19 2.25 -27.42
C LYS B 58 15.32 3.53 -27.31
N PRO B 59 14.78 3.77 -26.14
CA PRO B 59 14.01 4.99 -25.89
C PRO B 59 14.92 6.24 -25.99
N LYS B 60 14.29 7.36 -25.95
CA LYS B 60 14.98 8.67 -26.02
C LYS B 60 14.57 9.21 -24.67
N VAL B 61 15.08 10.35 -24.30
CA VAL B 61 14.67 10.91 -22.98
C VAL B 61 13.67 11.95 -23.53
N ALA B 62 12.85 12.47 -22.67
CA ALA B 62 11.88 13.46 -23.18
C ALA B 62 12.55 14.78 -22.93
N SER B 63 12.23 15.72 -23.75
CA SER B 63 12.83 17.06 -23.58
C SER B 63 11.75 17.93 -22.95
N MET B 64 12.21 18.96 -22.31
CA MET B 64 11.28 19.94 -21.64
C MET B 64 10.06 20.22 -22.51
N GLU B 65 10.34 20.39 -23.78
CA GLU B 65 9.27 20.68 -24.75
C GLU B 65 8.37 19.50 -24.98
N GLU B 66 8.94 18.34 -25.08
CA GLU B 66 8.06 17.16 -25.30
C GLU B 66 7.14 17.05 -24.08
N MET B 67 7.73 17.16 -22.94
CA MET B 67 6.93 17.05 -21.68
C MET B 67 5.87 18.16 -21.60
N ALA B 68 6.31 19.33 -21.94
CA ALA B 68 5.45 20.56 -21.94
C ALA B 68 4.24 20.34 -22.83
N THR B 69 4.32 19.34 -23.67
CA THR B 69 3.17 19.05 -24.56
C THR B 69 1.95 18.92 -23.66
N PHE B 70 2.20 18.37 -22.51
CA PHE B 70 1.10 18.18 -21.53
C PHE B 70 1.33 18.90 -20.21
N HIS B 71 2.54 19.06 -19.75
CA HIS B 71 2.68 19.76 -18.43
C HIS B 71 3.01 21.27 -18.50
N THR B 72 2.78 21.96 -17.42
CA THR B 72 3.06 23.42 -17.41
C THR B 72 4.54 23.64 -17.15
N ASP B 73 5.17 24.51 -17.89
CA ASP B 73 6.64 24.80 -17.70
C ASP B 73 6.96 25.06 -16.25
N ALA B 74 6.01 25.64 -15.59
CA ALA B 74 6.23 25.95 -14.12
C ALA B 74 6.44 24.60 -13.40
N TYR B 75 5.48 23.74 -13.65
CA TYR B 75 5.50 22.40 -13.05
C TYR B 75 6.80 21.72 -13.43
N LEU B 76 6.98 21.55 -14.71
CA LEU B 76 8.20 20.90 -15.24
C LEU B 76 9.46 21.41 -14.59
N GLN B 77 9.50 22.69 -14.42
CA GLN B 77 10.70 23.26 -13.80
C GLN B 77 10.75 23.04 -12.27
N HIS B 78 9.63 22.96 -11.61
CA HIS B 78 9.67 22.72 -10.12
C HIS B 78 10.26 21.32 -9.88
N LEU B 79 9.67 20.42 -10.60
CA LEU B 79 10.07 19.00 -10.55
C LEU B 79 11.57 18.98 -10.87
N GLN B 80 11.91 19.63 -11.96
CA GLN B 80 13.33 19.71 -12.41
C GLN B 80 14.25 20.13 -11.25
N LYS B 81 13.89 21.22 -10.63
CA LYS B 81 14.67 21.79 -9.48
C LYS B 81 14.83 20.79 -8.32
N VAL B 82 13.71 20.43 -7.75
CA VAL B 82 13.69 19.47 -6.61
C VAL B 82 14.54 18.23 -6.97
N SER B 83 14.25 17.66 -8.11
CA SER B 83 14.95 16.45 -8.66
C SER B 83 16.47 16.55 -8.54
N GLN B 84 16.92 17.75 -8.34
CA GLN B 84 18.37 18.00 -8.24
C GLN B 84 18.74 17.97 -6.77
N GLU B 85 17.94 18.63 -6.00
CA GLU B 85 18.20 18.69 -4.54
C GLU B 85 17.98 17.34 -3.88
N GLY B 86 16.78 16.88 -3.97
CA GLY B 86 16.49 15.57 -3.34
C GLY B 86 15.40 15.86 -2.36
N ASP B 87 15.29 15.03 -1.37
CA ASP B 87 14.22 15.25 -0.37
C ASP B 87 14.78 16.21 0.68
N ASP B 88 14.69 17.44 0.26
CA ASP B 88 15.13 18.64 1.02
C ASP B 88 13.87 19.52 0.77
N ALA B 104 9.72 12.20 -2.79
CA ALA B 104 10.35 13.22 -3.68
C ALA B 104 11.81 13.01 -3.36
N THR B 105 12.57 12.56 -4.31
CA THR B 105 14.01 12.32 -4.09
C THR B 105 14.63 13.14 -5.20
N GLU B 106 15.75 12.70 -5.67
CA GLU B 106 16.47 13.42 -6.76
C GLU B 106 16.12 12.48 -7.92
N GLY B 107 16.43 12.84 -9.12
CA GLY B 107 16.10 11.90 -10.22
C GLY B 107 14.70 12.09 -10.73
N ILE B 108 13.71 12.11 -9.86
CA ILE B 108 12.26 12.30 -10.27
C ILE B 108 12.01 12.98 -11.63
N PHE B 109 12.71 14.06 -11.87
CA PHE B 109 12.56 14.81 -13.15
C PHE B 109 13.11 13.94 -14.30
N ASP B 110 14.28 13.47 -14.03
CA ASP B 110 15.05 12.60 -14.97
C ASP B 110 14.25 11.34 -15.23
N TYR B 111 13.87 10.72 -14.15
CA TYR B 111 13.07 9.46 -14.16
C TYR B 111 11.88 9.67 -15.07
N ALA B 112 11.14 10.69 -14.72
CA ALA B 112 9.90 11.15 -15.45
C ALA B 112 10.14 11.32 -16.95
N ALA B 113 11.10 12.17 -17.22
CA ALA B 113 11.46 12.45 -18.64
C ALA B 113 11.97 11.16 -19.35
N ALA B 114 12.60 10.27 -18.62
CA ALA B 114 13.13 8.99 -19.24
C ALA B 114 11.96 8.08 -19.59
N ILE B 115 11.14 7.85 -18.61
CA ILE B 115 9.95 6.98 -18.84
C ILE B 115 9.07 7.68 -19.90
N GLY B 116 8.92 8.97 -19.78
CA GLY B 116 8.10 9.73 -20.76
C GLY B 116 8.67 9.44 -22.13
N GLY B 117 9.95 9.73 -22.23
CA GLY B 117 10.74 9.53 -23.47
C GLY B 117 10.45 8.17 -24.03
N ALA B 118 10.40 7.21 -23.16
CA ALA B 118 10.12 5.80 -23.54
C ALA B 118 8.72 5.63 -24.20
N THR B 119 7.70 6.26 -23.65
CA THR B 119 6.34 6.12 -24.26
C THR B 119 6.35 6.86 -25.59
N ILE B 120 6.94 8.04 -25.58
CA ILE B 120 7.02 8.86 -26.81
C ILE B 120 7.62 8.04 -27.92
N THR B 121 8.72 7.41 -27.62
CA THR B 121 9.39 6.56 -28.64
C THR B 121 8.37 5.48 -29.10
N ALA B 122 7.85 4.73 -28.15
CA ALA B 122 6.86 3.65 -28.49
C ALA B 122 5.84 4.18 -29.51
N ALA B 123 5.24 5.29 -29.14
CA ALA B 123 4.21 5.91 -30.04
C ALA B 123 4.78 6.31 -31.39
N GLN B 124 5.95 6.87 -31.42
CA GLN B 124 6.45 7.26 -32.75
C GLN B 124 6.59 6.04 -33.60
N CYS B 125 7.07 4.97 -33.00
CA CYS B 125 7.24 3.72 -33.80
C CYS B 125 5.90 3.36 -34.43
N LEU B 126 4.88 3.41 -33.64
CA LEU B 126 3.52 3.08 -34.13
C LEU B 126 3.19 4.03 -35.30
N ILE B 127 3.36 5.29 -35.03
CA ILE B 127 3.07 6.37 -36.05
C ILE B 127 3.77 6.10 -37.37
N ASP B 128 4.98 5.58 -37.26
CA ASP B 128 5.78 5.29 -38.50
C ASP B 128 5.39 3.99 -39.12
N GLY B 129 4.42 3.35 -38.56
CA GLY B 129 3.96 2.04 -39.12
C GLY B 129 5.17 1.12 -39.09
N MET B 130 5.89 1.23 -38.01
CA MET B 130 7.12 0.41 -37.81
C MET B 130 6.66 -0.94 -37.28
N CYS B 131 5.65 -0.87 -36.46
CA CYS B 131 5.06 -2.10 -35.82
C CYS B 131 3.59 -1.75 -35.60
N LYS B 132 2.91 -2.67 -35.00
CA LYS B 132 1.45 -2.49 -34.67
C LYS B 132 1.33 -2.45 -33.16
N VAL B 133 2.31 -2.93 -32.43
CA VAL B 133 2.26 -2.91 -30.94
C VAL B 133 3.63 -2.31 -30.50
N ALA B 134 3.65 -1.43 -29.52
CA ALA B 134 4.93 -0.81 -29.02
C ALA B 134 4.77 -1.05 -27.53
N ILE B 135 5.72 -1.67 -26.89
CA ILE B 135 5.65 -1.97 -25.43
C ILE B 135 6.60 -1.14 -24.53
N ASN B 136 6.11 -0.71 -23.41
CA ASN B 136 6.94 0.08 -22.46
C ASN B 136 6.33 -0.30 -21.09
N TRP B 137 6.60 -1.50 -20.66
CA TRP B 137 6.06 -1.96 -19.35
C TRP B 137 6.37 -1.01 -18.16
N SER B 138 7.29 -0.10 -18.31
CA SER B 138 7.63 0.84 -17.18
C SER B 138 6.84 2.19 -17.20
N GLY B 139 5.87 2.30 -18.08
CA GLY B 139 5.03 3.54 -18.19
C GLY B 139 3.60 3.26 -17.61
N GLY B 140 2.64 4.15 -17.75
CA GLY B 140 1.28 3.86 -17.19
C GLY B 140 1.10 4.64 -15.93
N TRP B 141 1.72 5.79 -15.85
CA TRP B 141 1.61 6.66 -14.60
C TRP B 141 0.44 7.62 -14.78
N HIS B 142 -0.66 6.94 -14.96
CA HIS B 142 -2.01 7.53 -15.19
C HIS B 142 -2.61 8.45 -14.11
N HIS B 143 -1.89 8.82 -13.09
CA HIS B 143 -2.51 9.70 -12.06
C HIS B 143 -2.01 11.15 -12.12
N ALA B 144 -0.92 11.33 -12.81
CA ALA B 144 -0.31 12.69 -12.95
C ALA B 144 -1.22 13.68 -13.70
N LYS B 145 -1.08 14.89 -13.23
CA LYS B 145 -1.83 16.09 -13.72
C LYS B 145 -0.83 16.94 -14.53
N LYS B 146 -1.32 17.93 -15.22
CA LYS B 146 -0.42 18.79 -16.05
C LYS B 146 0.52 19.61 -15.17
N ASP B 147 0.00 19.97 -14.05
CA ASP B 147 0.80 20.76 -13.10
C ASP B 147 0.78 20.15 -11.71
N GLU B 148 0.58 18.87 -11.59
CA GLU B 148 0.56 18.30 -10.20
C GLU B 148 0.90 16.83 -10.26
N ALA B 149 1.65 16.38 -9.31
CA ALA B 149 2.01 14.94 -9.30
C ALA B 149 0.81 14.34 -8.54
N SER B 150 0.63 13.06 -8.65
CA SER B 150 -0.52 12.45 -7.95
C SER B 150 -0.26 10.96 -8.00
N GLY B 151 -0.63 10.27 -6.96
CA GLY B 151 -0.45 8.80 -6.85
C GLY B 151 0.90 8.30 -7.29
N PHE B 152 1.91 8.97 -6.80
CA PHE B 152 3.35 8.63 -7.12
C PHE B 152 3.77 8.99 -8.56
N CYS B 153 2.86 9.50 -9.35
CA CYS B 153 3.11 9.88 -10.76
C CYS B 153 3.47 11.36 -10.82
N TYR B 154 4.58 11.66 -11.44
CA TYR B 154 5.04 13.10 -11.57
C TYR B 154 4.75 13.56 -12.98
N LEU B 155 5.06 12.74 -13.94
CA LEU B 155 4.81 13.11 -15.35
C LEU B 155 3.72 12.12 -15.79
N ASN B 156 2.93 12.44 -16.77
CA ASN B 156 1.84 11.51 -17.23
C ASN B 156 2.26 11.03 -18.59
N ASP B 157 3.14 10.08 -18.54
CA ASP B 157 3.72 9.45 -19.76
C ASP B 157 2.69 8.78 -20.64
N ALA B 158 1.48 8.67 -20.20
CA ALA B 158 0.49 7.99 -21.09
C ALA B 158 -0.09 9.10 -21.96
N VAL B 159 -0.45 10.19 -21.33
CA VAL B 159 -1.03 11.34 -22.08
C VAL B 159 -0.01 11.69 -23.17
N LEU B 160 1.19 12.02 -22.75
CA LEU B 160 2.23 12.37 -23.77
C LEU B 160 2.23 11.40 -24.97
N GLY B 161 2.05 10.14 -24.72
CA GLY B 161 2.04 9.13 -25.82
C GLY B 161 0.73 9.29 -26.60
N ILE B 162 -0.34 9.59 -25.92
CA ILE B 162 -1.66 9.78 -26.64
C ILE B 162 -1.48 11.00 -27.55
N LEU B 163 -1.00 12.06 -26.96
CA LEU B 163 -0.78 13.33 -27.72
C LEU B 163 0.16 13.10 -28.92
N ARG B 164 0.96 12.06 -28.84
CA ARG B 164 1.92 11.74 -29.95
C ARG B 164 1.22 10.96 -31.02
N LEU B 165 0.18 10.27 -30.63
CA LEU B 165 -0.56 9.47 -31.64
C LEU B 165 -1.49 10.38 -32.42
N ARG B 166 -1.87 11.47 -31.79
CA ARG B 166 -2.78 12.50 -32.41
C ARG B 166 -2.12 13.24 -33.59
N ARG B 167 -1.01 12.79 -34.08
CA ARG B 167 -0.37 13.51 -35.22
C ARG B 167 -0.91 12.89 -36.48
N LYS B 168 -0.94 11.59 -36.39
CA LYS B 168 -1.41 10.70 -37.49
C LYS B 168 -2.83 10.22 -37.20
N PHE B 169 -3.03 9.68 -36.03
CA PHE B 169 -4.38 9.14 -35.66
C PHE B 169 -5.27 10.25 -35.15
N GLU B 170 -6.55 10.05 -35.31
CA GLU B 170 -7.59 11.06 -34.88
C GLU B 170 -8.31 10.63 -33.60
N ARG B 171 -8.86 9.46 -33.67
CA ARG B 171 -9.61 8.89 -32.51
C ARG B 171 -8.68 7.87 -31.85
N ILE B 172 -8.28 8.18 -30.66
CA ILE B 172 -7.37 7.30 -29.86
C ILE B 172 -8.28 6.76 -28.71
N LEU B 173 -8.10 5.51 -28.39
CA LEU B 173 -8.91 4.91 -27.29
C LEU B 173 -7.84 4.55 -26.23
N TYR B 174 -8.11 4.79 -24.99
CA TYR B 174 -7.14 4.48 -23.89
C TYR B 174 -7.92 3.53 -23.02
N VAL B 175 -7.41 2.36 -22.79
CA VAL B 175 -8.15 1.36 -21.95
C VAL B 175 -7.23 1.30 -20.73
N ASP B 176 -7.78 1.28 -19.55
CA ASP B 176 -6.91 1.22 -18.34
C ASP B 176 -7.38 0.11 -17.43
N LEU B 177 -6.67 -0.99 -17.43
CA LEU B 177 -7.06 -2.16 -16.57
C LEU B 177 -6.19 -2.31 -15.30
N ASP B 178 -5.85 -1.17 -14.75
CA ASP B 178 -5.03 -1.16 -13.51
C ASP B 178 -6.03 -0.89 -12.41
N LEU B 179 -5.91 -1.61 -11.34
CA LEU B 179 -6.78 -1.49 -10.13
C LEU B 179 -7.42 -0.11 -9.89
N HIS B 180 -6.64 0.90 -10.19
CA HIS B 180 -7.04 2.33 -10.03
C HIS B 180 -7.54 3.06 -11.27
N HIS B 181 -8.26 4.11 -10.96
CA HIS B 181 -8.86 5.01 -12.00
C HIS B 181 -7.72 5.85 -12.55
N GLY B 182 -7.66 5.84 -13.85
CA GLY B 182 -6.62 6.60 -14.59
C GLY B 182 -7.25 7.95 -14.86
N ASP B 183 -7.34 8.66 -13.77
CA ASP B 183 -7.92 10.03 -13.72
C ASP B 183 -7.12 11.07 -14.46
N GLY B 184 -5.81 11.10 -14.26
CA GLY B 184 -4.88 12.09 -14.92
C GLY B 184 -5.02 12.10 -16.43
N VAL B 185 -5.30 10.95 -16.97
CA VAL B 185 -5.47 10.80 -18.43
C VAL B 185 -6.92 11.05 -18.74
N GLU B 186 -7.81 11.01 -17.80
CA GLU B 186 -9.22 11.25 -18.19
C GLU B 186 -9.31 12.76 -18.23
N ASP B 187 -8.98 13.33 -17.12
CA ASP B 187 -8.98 14.79 -16.96
C ASP B 187 -8.37 15.43 -18.18
N ALA B 188 -7.15 15.04 -18.44
CA ALA B 188 -6.39 15.57 -19.63
C ALA B 188 -7.26 15.67 -20.91
N PHE B 189 -8.14 14.74 -21.11
CA PHE B 189 -9.00 14.76 -22.34
C PHE B 189 -10.50 14.94 -22.10
N SER B 190 -10.88 15.41 -20.93
CA SER B 190 -12.35 15.62 -20.61
C SER B 190 -13.18 16.39 -21.63
N PHE B 191 -12.56 17.34 -22.30
CA PHE B 191 -13.32 18.16 -23.31
C PHE B 191 -12.93 17.93 -24.76
N THR B 192 -12.62 16.74 -25.17
CA THR B 192 -12.26 16.50 -26.60
C THR B 192 -12.96 15.19 -26.91
N SER B 193 -13.42 15.05 -28.11
CA SER B 193 -14.11 13.80 -28.50
C SER B 193 -13.11 13.08 -29.42
N LYS B 194 -11.87 13.46 -29.31
CA LYS B 194 -10.82 12.84 -30.18
C LYS B 194 -10.20 11.67 -29.41
N VAL B 195 -10.34 11.70 -28.12
CA VAL B 195 -9.76 10.63 -27.26
C VAL B 195 -10.85 10.12 -26.33
N MET B 196 -10.95 8.83 -26.22
CA MET B 196 -11.96 8.24 -25.31
C MET B 196 -11.17 7.36 -24.35
N THR B 197 -11.39 7.57 -23.10
CA THR B 197 -10.69 6.79 -22.08
C THR B 197 -11.69 5.81 -21.46
N VAL B 198 -11.30 4.58 -21.23
CA VAL B 198 -12.18 3.56 -20.64
C VAL B 198 -11.34 3.06 -19.50
N SER B 199 -11.89 3.04 -18.33
CA SER B 199 -11.13 2.56 -17.18
C SER B 199 -12.02 1.62 -16.40
N LEU B 200 -11.49 0.49 -16.01
CA LEU B 200 -12.22 -0.52 -15.20
C LEU B 200 -11.42 -0.32 -13.92
N HIS B 201 -11.97 -0.21 -12.75
CA HIS B 201 -11.08 0.03 -11.56
C HIS B 201 -11.94 -0.27 -10.39
N LYS B 202 -11.42 -0.10 -9.21
CA LYS B 202 -12.19 -0.37 -7.97
C LYS B 202 -12.70 0.99 -7.58
N PHE B 203 -13.90 1.03 -7.11
CA PHE B 203 -14.45 2.34 -6.72
C PHE B 203 -15.10 2.07 -5.39
N SER B 204 -14.63 2.64 -4.32
CA SER B 204 -15.27 2.41 -2.98
C SER B 204 -14.85 3.60 -2.16
N PRO B 205 -15.75 4.18 -1.43
CA PRO B 205 -15.40 5.23 -0.46
C PRO B 205 -14.07 5.07 0.30
N GLY B 206 -13.07 5.79 -0.10
CA GLY B 206 -11.74 5.73 0.60
C GLY B 206 -10.66 5.10 -0.27
N PHE B 207 -11.07 4.54 -1.37
CA PHE B 207 -10.09 3.91 -2.26
C PHE B 207 -9.64 5.01 -3.20
N PHE B 208 -8.36 5.14 -3.25
CA PHE B 208 -7.67 6.16 -4.09
C PHE B 208 -7.91 5.84 -5.59
N PRO B 209 -7.90 6.80 -6.49
CA PRO B 209 -7.96 8.27 -6.26
C PRO B 209 -9.34 8.71 -5.72
N GLY B 210 -10.36 7.93 -5.90
CA GLY B 210 -11.68 8.34 -5.36
C GLY B 210 -12.67 8.71 -6.43
N THR B 211 -12.16 8.89 -7.60
CA THR B 211 -13.02 9.26 -8.74
C THR B 211 -13.32 8.05 -9.58
N GLY B 212 -14.05 8.28 -10.63
CA GLY B 212 -14.39 7.18 -11.54
C GLY B 212 -15.72 6.63 -11.45
N ASP B 213 -16.65 7.35 -10.89
CA ASP B 213 -17.98 6.69 -10.83
C ASP B 213 -18.44 6.62 -12.26
N VAL B 214 -19.45 5.83 -12.51
CA VAL B 214 -19.96 5.70 -13.92
C VAL B 214 -20.67 6.98 -14.39
N SER B 215 -20.87 7.89 -13.48
CA SER B 215 -21.56 9.16 -13.82
C SER B 215 -20.54 10.24 -14.21
N ASP B 216 -19.30 9.83 -14.35
CA ASP B 216 -18.20 10.74 -14.73
C ASP B 216 -18.04 10.37 -16.20
N VAL B 217 -18.73 11.08 -17.06
CA VAL B 217 -18.69 10.79 -18.55
C VAL B 217 -17.97 11.80 -19.46
N GLY B 218 -17.23 12.69 -18.89
CA GLY B 218 -16.49 13.67 -19.74
C GLY B 218 -17.18 15.00 -19.50
N LEU B 219 -16.70 16.03 -20.15
CA LEU B 219 -17.30 17.38 -20.00
C LEU B 219 -17.54 17.94 -21.38
N GLY B 220 -18.45 18.85 -21.45
CA GLY B 220 -18.84 19.53 -22.71
C GLY B 220 -18.59 18.74 -23.97
N LYS B 221 -17.82 19.29 -24.88
CA LYS B 221 -17.49 18.61 -26.19
C LYS B 221 -17.22 17.11 -26.03
N GLY B 222 -16.72 16.73 -24.89
CA GLY B 222 -16.41 15.30 -24.65
C GLY B 222 -17.36 14.63 -23.67
N ARG B 223 -18.57 15.08 -23.55
CA ARG B 223 -19.45 14.39 -22.57
C ARG B 223 -19.65 13.11 -23.34
N TYR B 224 -19.66 12.04 -22.61
CA TYR B 224 -19.82 10.65 -23.12
C TYR B 224 -18.53 10.17 -23.74
N TYR B 225 -17.44 10.89 -23.60
CA TYR B 225 -16.18 10.36 -24.22
C TYR B 225 -15.22 9.88 -23.14
N SER B 226 -15.70 9.80 -21.92
CA SER B 226 -14.89 9.32 -20.78
C SER B 226 -15.78 8.18 -20.29
N VAL B 227 -15.29 6.97 -20.27
CA VAL B 227 -16.07 5.77 -19.82
C VAL B 227 -15.38 5.25 -18.51
N ASN B 228 -16.16 4.98 -17.49
CA ASN B 228 -15.63 4.47 -16.18
C ASN B 228 -16.48 3.27 -15.76
N VAL B 229 -15.84 2.16 -15.37
CA VAL B 229 -16.56 0.90 -14.94
C VAL B 229 -16.11 0.54 -13.49
N PRO B 230 -16.86 0.97 -12.49
CA PRO B 230 -16.50 0.82 -11.05
C PRO B 230 -16.79 -0.62 -10.57
N ILE B 231 -15.76 -1.33 -10.19
CA ILE B 231 -15.93 -2.74 -9.72
C ILE B 231 -15.61 -2.84 -8.22
N GLN B 232 -15.88 -3.99 -7.65
CA GLN B 232 -15.63 -4.20 -6.20
C GLN B 232 -14.58 -5.26 -6.07
N ASP B 233 -14.26 -5.62 -4.86
CA ASP B 233 -13.23 -6.66 -4.67
C ASP B 233 -13.70 -8.08 -4.95
N GLY B 234 -12.68 -8.83 -5.21
CA GLY B 234 -12.75 -10.26 -5.51
C GLY B 234 -13.28 -10.60 -6.86
N ILE B 235 -13.12 -9.75 -7.82
CA ILE B 235 -13.66 -10.14 -9.13
C ILE B 235 -12.56 -11.02 -9.70
N GLN B 236 -12.97 -11.99 -10.47
CA GLN B 236 -12.05 -12.95 -11.10
C GLN B 236 -12.26 -12.97 -12.62
N ASP B 237 -11.22 -13.45 -13.23
CA ASP B 237 -11.06 -13.63 -14.70
C ASP B 237 -12.26 -13.73 -15.59
N GLU B 238 -13.27 -14.41 -15.15
CA GLU B 238 -14.49 -14.57 -16.02
C GLU B 238 -15.41 -13.38 -15.88
N LYS B 239 -15.75 -13.00 -14.68
CA LYS B 239 -16.67 -11.85 -14.54
C LYS B 239 -15.93 -10.66 -15.12
N TYR B 240 -14.71 -10.46 -14.71
CA TYR B 240 -13.93 -9.29 -15.24
C TYR B 240 -13.91 -9.23 -16.78
N TYR B 241 -13.39 -10.25 -17.40
CA TYR B 241 -13.33 -10.27 -18.89
C TYR B 241 -14.69 -9.93 -19.51
N GLN B 242 -15.66 -10.70 -19.11
CA GLN B 242 -17.06 -10.51 -19.63
C GLN B 242 -17.50 -9.04 -19.51
N ILE B 243 -17.13 -8.35 -18.48
CA ILE B 243 -17.55 -6.94 -18.39
C ILE B 243 -16.71 -6.23 -19.48
N CYS B 244 -15.42 -6.27 -19.34
CA CYS B 244 -14.46 -5.63 -20.29
C CYS B 244 -15.00 -5.75 -21.71
N GLU B 245 -15.05 -6.96 -22.16
CA GLU B 245 -15.56 -7.25 -23.52
C GLU B 245 -16.84 -6.50 -23.96
N SER B 246 -17.80 -6.38 -23.11
CA SER B 246 -19.09 -5.68 -23.44
C SER B 246 -18.92 -4.18 -23.67
N VAL B 247 -18.12 -3.59 -22.82
CA VAL B 247 -17.85 -2.12 -22.90
C VAL B 247 -16.96 -1.92 -24.12
N LEU B 248 -15.91 -2.68 -24.24
CA LEU B 248 -15.05 -2.48 -25.43
C LEU B 248 -15.78 -2.74 -26.74
N LYS B 249 -16.71 -3.64 -26.76
CA LYS B 249 -17.46 -3.92 -28.02
C LYS B 249 -18.26 -2.68 -28.39
N GLU B 250 -19.02 -2.21 -27.42
CA GLU B 250 -19.86 -1.00 -27.65
C GLU B 250 -19.00 0.22 -27.98
N VAL B 251 -17.91 0.34 -27.28
CA VAL B 251 -16.98 1.48 -27.49
C VAL B 251 -16.32 1.39 -28.85
N TYR B 252 -15.92 0.22 -29.22
CA TYR B 252 -15.25 0.06 -30.53
C TYR B 252 -16.26 0.42 -31.60
N GLN B 253 -17.40 -0.21 -31.58
CA GLN B 253 -18.41 0.12 -32.64
C GLN B 253 -18.90 1.56 -32.58
N ALA B 254 -19.04 2.09 -31.41
CA ALA B 254 -19.54 3.50 -31.27
C ALA B 254 -18.49 4.59 -31.50
N PHE B 255 -17.29 4.42 -31.03
CA PHE B 255 -16.22 5.47 -31.21
C PHE B 255 -15.29 5.19 -32.36
N ASN B 256 -15.37 3.99 -32.85
CA ASN B 256 -14.55 3.52 -34.00
C ASN B 256 -13.06 4.02 -34.03
N PRO B 257 -12.21 3.48 -33.18
CA PRO B 257 -10.86 4.05 -32.91
C PRO B 257 -9.90 3.77 -34.04
N LYS B 258 -8.81 4.49 -33.99
CA LYS B 258 -7.74 4.33 -35.03
C LYS B 258 -6.43 3.83 -34.45
N ALA B 259 -6.20 4.11 -33.20
CA ALA B 259 -4.96 3.68 -32.46
C ALA B 259 -5.43 3.38 -31.02
N VAL B 260 -4.69 2.63 -30.25
CA VAL B 260 -5.10 2.31 -28.85
C VAL B 260 -3.89 2.54 -28.00
N VAL B 261 -4.14 2.78 -26.75
CA VAL B 261 -3.08 3.01 -25.73
C VAL B 261 -3.69 2.10 -24.63
N LEU B 262 -3.00 1.08 -24.21
CA LEU B 262 -3.54 0.14 -23.18
C LEU B 262 -2.61 0.11 -21.98
N GLN B 263 -3.18 0.33 -20.82
CA GLN B 263 -2.34 0.31 -19.58
C GLN B 263 -2.83 -0.96 -18.87
N LEU B 264 -1.90 -1.79 -18.50
CA LEU B 264 -2.15 -3.11 -17.81
C LEU B 264 -1.55 -3.24 -16.39
N GLY B 265 -1.62 -2.20 -15.60
CA GLY B 265 -1.08 -2.21 -14.20
C GLY B 265 -1.45 -3.56 -13.61
N ALA B 266 -0.49 -4.32 -13.15
CA ALA B 266 -0.72 -5.68 -12.58
C ALA B 266 -1.06 -5.69 -11.11
N ASP B 267 -1.95 -4.81 -10.72
CA ASP B 267 -2.33 -4.78 -9.28
C ASP B 267 -3.68 -5.38 -9.07
N THR B 268 -4.15 -6.03 -10.10
CA THR B 268 -5.48 -6.69 -10.06
C THR B 268 -5.26 -8.18 -9.80
N ILE B 269 -4.10 -8.62 -10.25
CA ILE B 269 -3.68 -10.04 -10.11
C ILE B 269 -3.82 -10.42 -8.65
N ALA B 270 -4.09 -11.69 -8.44
CA ALA B 270 -4.28 -12.25 -7.07
C ALA B 270 -2.89 -12.30 -6.48
N GLY B 271 -2.81 -12.03 -5.21
CA GLY B 271 -1.50 -12.04 -4.49
C GLY B 271 -1.34 -10.60 -4.05
N ASP B 272 -0.87 -9.83 -5.00
CA ASP B 272 -0.61 -8.36 -4.87
C ASP B 272 -1.00 -7.64 -3.54
N PRO B 273 -0.09 -6.94 -2.89
CA PRO B 273 -0.38 -6.21 -1.61
C PRO B 273 -1.81 -5.64 -1.51
N MET B 274 -2.17 -5.01 -2.60
CA MET B 274 -3.52 -4.36 -2.75
C MET B 274 -4.69 -5.28 -2.34
N CYS B 275 -4.48 -6.56 -2.35
CA CYS B 275 -5.51 -7.62 -1.99
C CYS B 275 -6.97 -7.20 -2.35
N SER B 276 -7.15 -6.71 -3.56
CA SER B 276 -8.50 -6.25 -4.03
C SER B 276 -9.13 -7.07 -5.14
N PHE B 277 -8.51 -7.26 -6.26
CA PHE B 277 -9.19 -8.09 -7.31
C PHE B 277 -8.56 -9.46 -7.14
N ASN B 278 -9.05 -10.41 -7.86
CA ASN B 278 -8.48 -11.79 -7.71
C ASN B 278 -8.36 -12.30 -9.12
N MET B 279 -7.54 -11.59 -9.85
CA MET B 279 -7.30 -11.92 -11.28
C MET B 279 -5.98 -12.63 -11.53
N THR B 280 -5.83 -13.17 -12.69
CA THR B 280 -4.59 -13.86 -13.03
C THR B 280 -4.30 -13.25 -14.41
N PRO B 281 -3.11 -13.36 -14.87
CA PRO B 281 -2.72 -12.84 -16.20
C PRO B 281 -3.62 -13.28 -17.34
N VAL B 282 -4.27 -14.38 -17.13
CA VAL B 282 -5.18 -14.98 -18.17
C VAL B 282 -6.49 -14.13 -18.39
N GLY B 283 -7.04 -13.62 -17.34
CA GLY B 283 -8.30 -12.82 -17.48
C GLY B 283 -7.96 -11.50 -18.17
N ILE B 284 -6.74 -11.04 -17.96
CA ILE B 284 -6.24 -9.75 -18.58
C ILE B 284 -5.75 -10.11 -19.96
N GLY B 285 -5.20 -11.29 -20.08
CA GLY B 285 -4.67 -11.78 -21.37
C GLY B 285 -5.80 -11.78 -22.37
N LYS B 286 -6.97 -12.12 -21.93
CA LYS B 286 -8.13 -12.14 -22.87
C LYS B 286 -8.52 -10.70 -23.31
N CYS B 287 -8.61 -9.80 -22.38
CA CYS B 287 -8.96 -8.41 -22.73
C CYS B 287 -7.94 -8.04 -23.83
N LEU B 288 -6.69 -8.10 -23.50
CA LEU B 288 -5.60 -7.77 -24.50
C LEU B 288 -5.84 -8.48 -25.84
N LYS B 289 -5.98 -9.78 -25.83
CA LYS B 289 -6.21 -10.55 -27.10
C LYS B 289 -7.35 -9.93 -27.89
N TYR B 290 -8.39 -9.59 -27.16
CA TYR B 290 -9.60 -8.96 -27.79
C TYR B 290 -9.12 -7.70 -28.49
N ILE B 291 -8.65 -6.76 -27.74
CA ILE B 291 -8.14 -5.47 -28.32
C ILE B 291 -7.26 -5.74 -29.56
N LEU B 292 -6.39 -6.69 -29.41
CA LEU B 292 -5.50 -7.03 -30.54
C LEU B 292 -6.30 -7.53 -31.76
N GLN B 293 -7.40 -8.20 -31.55
CA GLN B 293 -8.21 -8.71 -32.74
C GLN B 293 -8.56 -7.56 -33.67
N TRP B 294 -8.57 -6.37 -33.11
CA TRP B 294 -8.90 -5.14 -33.87
C TRP B 294 -7.81 -4.78 -34.90
N GLN B 295 -6.60 -5.23 -34.75
CA GLN B 295 -5.53 -4.89 -35.74
C GLN B 295 -5.19 -3.37 -35.76
N LEU B 296 -5.26 -2.68 -34.67
CA LEU B 296 -4.95 -1.21 -34.65
C LEU B 296 -3.60 -1.02 -33.96
N ALA B 297 -2.99 0.12 -34.15
CA ALA B 297 -1.65 0.40 -33.52
C ALA B 297 -1.97 0.46 -32.03
N THR B 298 -1.38 -0.42 -31.24
CA THR B 298 -1.61 -0.46 -29.77
C THR B 298 -0.26 -0.13 -29.08
N LEU B 299 -0.33 0.61 -28.02
CA LEU B 299 0.88 1.02 -27.25
C LEU B 299 0.55 0.30 -25.95
N ILE B 300 1.46 -0.44 -25.41
CA ILE B 300 1.18 -1.18 -24.16
C ILE B 300 1.98 -0.48 -23.10
N LEU B 301 1.33 -0.29 -22.00
CA LEU B 301 1.97 0.38 -20.85
C LEU B 301 1.76 -0.63 -19.70
N GLY B 302 2.62 -0.60 -18.74
CA GLY B 302 2.55 -1.51 -17.57
C GLY B 302 1.84 -0.72 -16.53
N GLY B 303 2.40 -0.49 -15.37
CA GLY B 303 1.64 0.30 -14.38
C GLY B 303 1.84 -0.20 -12.97
N GLY B 304 0.80 -0.24 -12.19
CA GLY B 304 0.98 -0.72 -10.79
C GLY B 304 1.31 -2.24 -10.85
N GLY B 305 1.73 -2.79 -9.74
CA GLY B 305 2.11 -4.25 -9.65
C GLY B 305 3.18 -4.19 -8.57
N TYR B 306 2.72 -4.29 -7.36
CA TYR B 306 3.67 -4.24 -6.19
C TYR B 306 3.97 -5.64 -5.59
N ASN B 307 3.99 -6.63 -6.42
CA ASN B 307 4.26 -8.05 -6.05
C ASN B 307 5.09 -8.26 -7.28
N LEU B 308 6.34 -7.94 -7.13
CA LEU B 308 7.33 -8.05 -8.24
C LEU B 308 7.35 -9.31 -9.06
N ALA B 309 7.53 -10.41 -8.40
CA ALA B 309 7.56 -11.71 -9.13
C ALA B 309 6.24 -11.84 -9.88
N ASN B 310 5.19 -11.49 -9.20
CA ASN B 310 3.81 -11.57 -9.82
C ASN B 310 3.74 -10.68 -11.09
N THR B 311 4.03 -9.40 -10.92
CA THR B 311 4.00 -8.43 -12.05
C THR B 311 4.85 -8.97 -13.23
N ALA B 312 6.05 -9.36 -12.93
CA ALA B 312 6.93 -9.87 -14.01
C ALA B 312 6.25 -11.02 -14.67
N ARG B 313 5.73 -11.92 -13.88
CA ARG B 313 5.02 -13.09 -14.49
C ARG B 313 3.92 -12.63 -15.45
N CYS B 314 3.13 -11.74 -14.94
CA CYS B 314 2.00 -11.21 -15.75
C CYS B 314 2.49 -10.63 -17.04
N TRP B 315 3.29 -9.59 -16.97
CA TRP B 315 3.79 -8.95 -18.21
C TRP B 315 4.56 -9.95 -19.08
N THR B 316 5.09 -11.02 -18.50
CA THR B 316 5.83 -12.00 -19.37
C THR B 316 4.77 -12.86 -20.07
N TYR B 317 3.72 -13.15 -19.35
CA TYR B 317 2.63 -13.95 -19.95
C TYR B 317 2.09 -13.12 -21.13
N LEU B 318 1.67 -11.92 -20.81
CA LEU B 318 1.09 -10.92 -21.78
C LEU B 318 2.04 -10.72 -22.94
N THR B 319 3.29 -10.43 -22.73
CA THR B 319 4.20 -10.27 -23.93
C THR B 319 4.04 -11.57 -24.82
N GLY B 320 3.91 -12.70 -24.16
CA GLY B 320 3.76 -13.99 -24.90
C GLY B 320 2.43 -13.94 -25.63
N VAL B 321 1.43 -13.30 -25.04
CA VAL B 321 0.07 -13.17 -25.67
C VAL B 321 0.33 -12.37 -26.96
N ILE B 322 0.95 -11.21 -26.80
CA ILE B 322 1.27 -10.31 -27.97
C ILE B 322 1.97 -11.13 -29.10
N LEU B 323 2.85 -12.01 -28.69
CA LEU B 323 3.60 -12.87 -29.64
C LEU B 323 2.76 -14.08 -30.03
N GLY B 324 1.77 -14.39 -29.25
CA GLY B 324 0.92 -15.56 -29.58
C GLY B 324 1.72 -16.86 -29.38
N LYS B 325 2.44 -16.93 -28.29
CA LYS B 325 3.26 -18.15 -28.00
C LYS B 325 2.81 -18.68 -26.65
N THR B 326 3.04 -19.94 -26.40
CA THR B 326 2.61 -20.52 -25.08
C THR B 326 3.93 -20.62 -24.30
N LEU B 327 3.91 -20.34 -23.03
CA LEU B 327 5.17 -20.41 -22.21
C LEU B 327 5.27 -21.61 -21.26
N SER B 328 6.49 -21.85 -20.86
CA SER B 328 6.77 -22.97 -19.94
C SER B 328 6.08 -22.59 -18.64
N SER B 329 5.53 -23.61 -18.04
CA SER B 329 4.85 -23.37 -16.77
C SER B 329 5.98 -23.15 -15.80
N GLU B 330 7.07 -23.84 -16.01
CA GLU B 330 8.19 -23.65 -15.07
C GLU B 330 8.85 -22.37 -15.47
N ILE B 331 9.48 -21.78 -14.50
CA ILE B 331 10.20 -20.50 -14.72
C ILE B 331 11.56 -20.97 -15.24
N PRO B 332 12.02 -20.44 -16.35
CA PRO B 332 13.44 -20.56 -16.76
C PRO B 332 14.33 -20.18 -15.58
N ASP B 333 15.60 -20.39 -15.72
CA ASP B 333 16.55 -20.05 -14.62
C ASP B 333 17.22 -18.77 -15.08
N HIS B 334 17.04 -17.72 -14.32
CA HIS B 334 17.64 -16.39 -14.64
C HIS B 334 17.98 -15.71 -13.32
N GLU B 335 18.58 -14.56 -13.45
CA GLU B 335 19.00 -13.72 -12.30
C GLU B 335 18.03 -13.49 -11.14
N PHE B 336 16.77 -13.66 -11.32
CA PHE B 336 15.83 -13.42 -10.18
C PHE B 336 15.10 -14.72 -10.12
N PHE B 337 15.79 -15.82 -9.93
CA PHE B 337 15.10 -17.16 -9.87
C PHE B 337 14.58 -17.52 -8.48
N THR B 338 15.45 -17.41 -7.51
CA THR B 338 15.09 -17.72 -6.09
C THR B 338 13.70 -17.11 -5.74
N ALA B 339 13.61 -15.89 -6.17
CA ALA B 339 12.43 -14.96 -6.04
C ALA B 339 11.09 -15.48 -6.54
N TYR B 340 11.10 -16.54 -7.31
CA TYR B 340 9.81 -17.12 -7.85
C TYR B 340 9.50 -18.45 -7.19
N GLY B 341 10.06 -18.70 -6.06
CA GLY B 341 9.77 -19.98 -5.40
C GLY B 341 8.59 -19.77 -4.48
N PRO B 342 8.07 -20.83 -3.92
CA PRO B 342 8.68 -22.19 -3.90
C PRO B 342 8.18 -23.12 -5.00
N ASP B 343 7.27 -22.67 -5.81
CA ASP B 343 6.76 -23.57 -6.89
C ASP B 343 7.18 -23.12 -8.27
N TYR B 344 8.21 -22.32 -8.30
CA TYR B 344 8.81 -21.73 -9.54
C TYR B 344 8.08 -21.88 -10.90
N VAL B 345 6.85 -21.42 -10.96
CA VAL B 345 6.06 -21.49 -12.23
C VAL B 345 5.58 -20.06 -12.59
N LEU B 346 5.00 -19.93 -13.75
CA LEU B 346 4.47 -18.62 -14.27
C LEU B 346 2.98 -18.44 -13.93
N GLU B 347 2.28 -19.47 -13.51
CA GLU B 347 0.82 -19.28 -13.20
C GLU B 347 0.62 -18.72 -11.80
N ILE B 348 -0.57 -18.22 -11.62
CA ILE B 348 -0.96 -17.63 -10.33
C ILE B 348 -2.29 -18.30 -10.00
N THR B 349 -2.57 -18.48 -8.75
CA THR B 349 -3.85 -19.11 -8.34
C THR B 349 -4.60 -17.99 -7.61
N PRO B 350 -5.87 -17.83 -7.91
CA PRO B 350 -6.77 -16.93 -7.17
C PRO B 350 -6.65 -17.19 -5.67
N SER B 351 -7.23 -16.29 -4.93
CA SER B 351 -7.23 -16.36 -3.46
C SER B 351 -8.62 -16.76 -2.99
N CYS B 352 -8.68 -17.15 -1.75
CA CYS B 352 -9.96 -17.59 -1.13
C CYS B 352 -10.63 -16.38 -0.51
N ARG B 353 -11.13 -15.52 -1.34
CA ARG B 353 -11.83 -14.29 -0.85
C ARG B 353 -13.07 -14.27 -1.71
N PRO B 354 -14.16 -13.77 -1.21
CA PRO B 354 -15.39 -13.65 -2.06
C PRO B 354 -15.34 -12.47 -3.07
N ASP B 355 -16.26 -12.48 -3.97
CA ASP B 355 -16.39 -11.42 -5.03
C ASP B 355 -17.52 -10.58 -4.49
N ARG B 356 -17.49 -9.28 -4.59
CA ARG B 356 -18.62 -8.50 -4.03
C ARG B 356 -19.36 -7.82 -5.15
N ASN B 357 -19.29 -8.37 -6.31
CA ASN B 357 -20.02 -7.71 -7.44
C ASN B 357 -21.37 -8.31 -7.69
N GLU B 358 -22.21 -7.81 -6.82
CA GLU B 358 -23.66 -8.15 -6.76
C GLU B 358 -24.15 -8.01 -8.18
N PRO B 359 -24.55 -9.09 -8.79
CA PRO B 359 -24.60 -9.21 -10.28
C PRO B 359 -25.47 -8.12 -10.94
N HIS B 360 -26.56 -7.99 -10.28
CA HIS B 360 -27.59 -7.02 -10.69
C HIS B 360 -26.99 -5.62 -10.79
N ARG B 361 -26.19 -5.23 -9.85
CA ARG B 361 -25.57 -3.85 -9.90
C ARG B 361 -24.66 -3.69 -11.13
N ILE B 362 -23.87 -4.69 -11.39
CA ILE B 362 -22.95 -4.62 -12.56
C ILE B 362 -23.75 -4.22 -13.81
N GLN B 363 -24.79 -4.97 -14.10
CA GLN B 363 -25.62 -4.66 -15.30
C GLN B 363 -26.02 -3.20 -15.36
N GLN B 364 -26.50 -2.70 -14.27
CA GLN B 364 -26.92 -1.28 -14.23
C GLN B 364 -25.84 -0.40 -14.90
N ILE B 365 -24.61 -0.75 -14.61
CA ILE B 365 -23.44 0.00 -15.18
C ILE B 365 -23.41 -0.30 -16.65
N LEU B 366 -23.41 -1.55 -16.97
CA LEU B 366 -23.37 -1.94 -18.41
C LEU B 366 -24.42 -1.25 -19.22
N ASN B 367 -25.47 -0.91 -18.56
CA ASN B 367 -26.56 -0.24 -19.31
C ASN B 367 -26.33 1.24 -19.33
N TYR B 368 -26.11 1.87 -18.20
CA TYR B 368 -25.87 3.36 -18.21
C TYR B 368 -24.87 3.62 -19.37
N ILE B 369 -23.80 2.86 -19.36
CA ILE B 369 -22.73 2.99 -20.40
C ILE B 369 -23.33 2.82 -21.80
N LYS B 370 -23.79 1.66 -22.15
CA LYS B 370 -24.39 1.45 -23.50
C LYS B 370 -25.39 2.59 -23.91
N GLY B 371 -26.05 3.18 -22.93
CA GLY B 371 -27.02 4.27 -23.23
C GLY B 371 -26.18 5.51 -23.50
N ASN B 372 -25.18 5.71 -22.69
CA ASN B 372 -24.27 6.91 -22.86
C ASN B 372 -23.60 6.82 -24.24
N LEU B 373 -23.32 5.62 -24.63
CA LEU B 373 -22.66 5.41 -25.95
C LEU B 373 -23.61 5.54 -27.12
N LYS B 374 -24.67 6.23 -26.89
CA LYS B 374 -25.68 6.42 -27.95
C LYS B 374 -25.29 7.75 -28.54
N HIS B 375 -24.98 8.63 -27.65
CA HIS B 375 -24.61 10.01 -28.05
C HIS B 375 -23.17 10.16 -28.53
N VAL B 376 -22.62 9.12 -29.10
CA VAL B 376 -21.21 9.22 -29.59
C VAL B 376 -21.27 9.03 -31.10
N VAL B 377 -20.44 9.83 -31.70
CA VAL B 377 -20.26 9.90 -33.15
C VAL B 377 -18.76 9.65 -33.35
ZN ZN C . -0.30 -2.44 9.72
NA NA D . -6.79 -3.95 14.71
N CRI E . 2.81 -3.35 9.11
OH CRI E . 2.30 -3.65 10.39
O CRI E . 0.92 -2.36 8.40
C CRI E . 1.95 -2.96 8.10
C1 CRI E . 3.31 -4.10 6.45
C2 CRI E . 2.26 -3.23 6.78
C3 CRI E . 1.53 -2.68 5.74
C4 CRI E . 1.84 -2.96 4.42
C5 CRI E . 2.89 -3.81 4.09
C6 CRI E . 3.62 -4.37 5.14
C11 CRI E . 3.19 -4.09 2.77
C12 CRI E . 3.22 -3.11 1.78
C13 CRI E . 3.54 -3.46 0.48
C14 CRI E . 3.83 -4.77 0.11
C15 CRI E . 3.80 -5.76 1.10
C16 CRI E . 3.48 -5.40 2.40
C20 CRI E . 4.08 -7.10 0.89
O21 CRI E . 3.18 -7.74 0.38
N22 CRI E . 5.26 -7.58 1.24
C23 CRI E . 5.45 -9.07 1.38
C27 CRI E . 6.37 -6.68 1.73
N31 CRI E . 3.54 -2.48 -0.40
C33 CRI E . 2.41 -1.96 -0.80
O34 CRI E . 1.31 -2.32 -0.43
C35 CRI E . 1.49 0.03 -1.84
C36 CRI E . 1.54 1.10 -2.74
C37 CRI E . 2.65 1.27 -3.56
C38 CRI E . 3.68 0.35 -3.49
C39 CRI E . 3.62 -0.72 -2.59
C40 CRI E . 2.51 -0.91 -1.73
C45 CRI E . 2.70 2.45 -4.53
HN CRI E . 3.77 -3.41 8.94
H7 CRI E . 3.90 -4.55 7.23
H8 CRI E . 0.71 -2.01 5.95
H9 CRI E . 1.25 -2.50 3.63
H10 CRI E . 4.44 -5.04 4.93
H17 CRI E . 3.02 -2.09 2.02
H18 CRI E . 4.07 -5.01 -0.92
H19 CRI E . 3.46 -6.16 3.16
H24 CRI E . 6.22 -9.26 2.12
H25 CRI E . 4.53 -9.52 1.70
H26 CRI E . 5.75 -9.48 0.43
H28 CRI E . 7.25 -7.27 1.95
H29 CRI E . 6.60 -5.96 0.96
H30 CRI E . 6.05 -6.17 2.62
H32 CRI E . 4.40 -2.15 -0.75
H43 CRI E . 0.61 -0.05 -1.22
H44 CRI E . 0.72 1.80 -2.78
H41 CRI E . 4.54 0.47 -4.13
H42 CRI E . 4.43 -1.42 -2.56
H46 CRI E . 2.66 2.08 -5.54
H47 CRI E . 1.89 3.12 -4.35
H48 CRI E . 3.63 2.97 -4.38
ZN ZN F . -2.77 0.94 -9.56
NA NA G . -8.35 1.13 -14.19
N CRI H . -1.79 3.33 -9.21
OH CRI H . -2.20 2.64 -10.37
O CRI H . -1.73 1.41 -8.04
C CRI H . -1.70 2.64 -8.00
C1 CRI H . -1.79 2.67 -5.56
C2 CRI H . -1.57 3.31 -6.78
C3 CRI H . -1.23 4.68 -6.69
C4 CRI H . -1.10 5.34 -5.47
C5 CRI H . -1.32 4.68 -4.27
C6 CRI H . -1.67 3.33 -4.35
C11 CRI H . -1.15 5.28 -3.05
C12 CRI H . -0.29 4.70 -2.12
C13 CRI H . -0.11 5.25 -0.86
C14 CRI H . -0.76 6.40 -0.48
C15 CRI H . -1.64 7.04 -1.38
C16 CRI H . -1.83 6.45 -2.66
C20 CRI H . -2.32 8.21 -1.04
O21 CRI H . -3.27 8.15 -0.27
N22 CRI H . -1.90 9.34 -1.55
C23 CRI H . -2.73 10.58 -1.32
C27 CRI H . -0.50 9.49 -2.08
N31 CRI H . 0.70 4.62 -0.01
C33 CRI H . 0.45 3.35 0.32
O34 CRI H . -0.47 2.69 -0.10
C35 CRI H . 1.32 1.36 1.36
C36 CRI H . 2.14 0.70 2.25
C37 CRI H . 3.02 1.39 3.06
C38 CRI H . 3.06 2.79 2.94
C39 CRI H . 2.22 3.45 2.04
C40 CRI H . 1.32 2.75 1.22
C45 CRI H . 3.93 0.65 4.05
HN CRI H . -1.56 4.27 -9.25
H7 CRI H . -2.07 1.62 -5.54
H8 CRI H . -1.04 5.23 -7.61
H9 CRI H . -0.83 6.38 -5.45
H10 CRI H . -1.86 2.78 -3.43
H17 CRI H . 0.25 3.80 -2.39
H18 CRI H . -0.59 6.82 0.51
H19 CRI H . -2.50 6.92 -3.36
H24 CRI H . -2.55 11.28 -2.12
H25 CRI H . -3.77 10.32 -1.29
H26 CRI H . -2.43 11.02 -0.37
H28 CRI H . -0.33 10.51 -2.38
H29 CRI H . 0.20 9.23 -1.31
H30 CRI H . -0.37 8.84 -2.93
H32 CRI H . 1.46 5.09 0.37
H43 CRI H . 0.64 0.76 0.75
H44 CRI H . 2.09 -0.37 2.32
H41 CRI H . 3.74 3.36 3.56
H42 CRI H . 2.28 4.53 1.97
H46 CRI H . 3.94 1.16 5.00
H47 CRI H . 3.57 -0.36 4.18
H48 CRI H . 4.94 0.62 3.65
#